data_5IED
#
_entry.id   5IED
#
_cell.length_a   103.430
_cell.length_b   173.900
_cell.length_c   63.040
_cell.angle_alpha   90.00
_cell.angle_beta   90.00
_cell.angle_gamma   90.00
#
_symmetry.space_group_name_H-M   'P 21 21 2'
#
loop_
_entity.id
_entity.type
_entity.pdbx_description
1 polymer 'Neutral alpha-glucosidase AB'
2 polymer 'Glucosidase 2 subunit beta'
3 branched 2-acetamido-2-deoxy-beta-D-glucopyranose-(1-4)-2-acetamido-2-deoxy-beta-D-glucopyranose
4 non-polymer 'TETRAETHYLENE GLYCOL'
5 non-polymer 'HEXAETHYLENE GLYCOL'
6 non-polymer 1,2-ETHANEDIOL
7 non-polymer 'FORMIC ACID'
8 non-polymer CASTANOSPERMINE
9 non-polymer 'CALCIUM ION'
10 water water
#
loop_
_entity_poly.entity_id
_entity_poly.type
_entity_poly.pdbx_seq_one_letter_code
_entity_poly.pdbx_strand_id
1 'polypeptide(L)'
;VDRSNFKTCDESSFCKRQRSIRPGLSPYRALLDTLQLGPDALTVHLIHEVTKVLLVLELQGLQKNMTRIRIDELEPRRPR
YRVPDVLVADPPTARLSVSGRDDNSVELTVAEGPYKIILTAQPFRLDLLEDRSLLLSVNARGLMAFEHQRAPRVPFSDKV
SLALGSVWDKIKNLFSRQESKDPAEGNGAQPEATPGDGDKPEETQEKAEKDEPGAWEETFKTHSDSKPYGPTSVGLDFSL
PGMEHVYGIPEHADSLRLKVTEGGEPYRLYNLDVFQYELNNPMALYGSVPVLLAHSFHRDLGIFWLNAAETWVDISSNTA
GKTLFGKMLDYLQGSGETPQTDIRWMSESGIIDVFLMLGPSVFDVFRQYASLTGTQALPPLFSLGYHQSRWNYRDEADVL
EVDQGFDDHNMPCDVIWLDIEHADGKRYFTWDPTRFPQPLNMLEHLASKRRKLVAIVDPHIKVDSGYRVHEELRNHGLYV
KTRDGSDYEGWCWPGSASYPDFTNPRMRAWWSNMFSFDNYEGSAPNLYVWNDMNEPSVFNGPEVTMLKDAVHYGGWEHRD
IHNIYGLYVHMATADGLIQRSGGIERPFVLSRAFFSGSQRFGAVWTGDNTAEWDHLKISIPMCLSLALVGLSFCGADVGG
FFKNPEPELLVRWYQMGAYQPFFRAHAHLDTGRREPWLLASQYQDAIRDALFQRYSLLPFWYTLFYQAHKEGFPVMRPLW
VQYPEDMSTFSIEDQFMLGDALLIHPVSDAGAHGVQVYLPGQEEVWYDIQSYQKHHGPQTLYLPVTLSSIPVFQRGGTIV
PRWMRVRRSSDCMKDDPITLFVALSPQGTAQGELFLDDGHTFNYQTRHEFLLRRFSFSGSTLVSSSADPKGHLETPIWIE
RVVIMGAGKPAAVVLQTKGSPESRLSFQHDPETSVLILRKPGVSVASDWSIHLR
;
A
2 'polypeptide(L)'
;FYEESKPFTCLDGTATIPFDQVNDDYCDCKDGSDEPGTAACPNGSFHCTNTGYKPLYILSSRVNDGVCDCCDGTDEYNSG
TVCENTCR
;
B
#
# COMPACT_ATOMS: atom_id res chain seq x y z
N VAL A 1 -2.40 6.43 -25.12
CA VAL A 1 -2.66 5.00 -25.31
C VAL A 1 -3.09 4.70 -26.77
N ASP A 2 -2.66 3.53 -27.29
CA ASP A 2 -3.08 3.00 -28.59
C ASP A 2 -4.15 1.95 -28.26
N ARG A 3 -5.42 2.34 -28.30
CA ARG A 3 -6.52 1.44 -27.96
C ARG A 3 -6.65 0.23 -28.90
N SER A 4 -6.20 0.34 -30.16
CA SER A 4 -6.29 -0.79 -31.11
C SER A 4 -5.44 -2.00 -30.66
N ASN A 5 -4.48 -1.80 -29.73
CA ASN A 5 -3.65 -2.88 -29.20
C ASN A 5 -4.35 -3.69 -28.09
N PHE A 6 -5.50 -3.22 -27.55
CA PHE A 6 -6.18 -3.88 -26.43
C PHE A 6 -7.62 -4.20 -26.78
N LYS A 7 -8.07 -5.40 -26.46
CA LYS A 7 -9.43 -5.82 -26.77
C LYS A 7 -10.48 -5.06 -25.98
N THR A 8 -11.57 -4.68 -26.67
CA THR A 8 -12.78 -4.17 -26.06
C THR A 8 -13.56 -5.46 -25.80
N CYS A 9 -14.67 -5.39 -25.09
CA CYS A 9 -15.47 -6.58 -24.78
C CYS A 9 -15.89 -7.31 -26.04
N ASP A 10 -16.32 -6.56 -27.08
CA ASP A 10 -16.72 -7.18 -28.35
C ASP A 10 -15.59 -7.99 -29.01
N GLU A 11 -14.31 -7.64 -28.78
CA GLU A 11 -13.15 -8.33 -29.33
C GLU A 11 -12.66 -9.51 -28.46
N SER A 12 -13.19 -9.67 -27.27
CA SER A 12 -12.88 -10.81 -26.42
C SER A 12 -14.09 -11.74 -26.61
N SER A 13 -13.96 -12.84 -27.39
CA SER A 13 -15.16 -13.65 -27.72
C SER A 13 -15.96 -14.07 -26.48
N PHE A 14 -15.31 -14.43 -25.37
CA PHE A 14 -16.08 -14.83 -24.19
C PHE A 14 -16.85 -13.67 -23.55
N CYS A 15 -16.30 -12.47 -23.56
CA CYS A 15 -17.01 -11.29 -23.03
C CYS A 15 -18.22 -11.02 -23.94
N LYS A 16 -18.02 -11.10 -25.26
CA LYS A 16 -19.11 -10.87 -26.21
C LYS A 16 -20.22 -11.89 -25.99
N ARG A 17 -19.88 -13.19 -25.85
CA ARG A 17 -20.90 -14.23 -25.59
C ARG A 17 -21.65 -13.98 -24.29
N GLN A 18 -20.90 -13.73 -23.18
CA GLN A 18 -21.51 -13.49 -21.85
C GLN A 18 -22.37 -12.25 -21.83
N ARG A 19 -21.83 -11.13 -22.32
CA ARG A 19 -22.55 -9.86 -22.29
C ARG A 19 -23.77 -9.83 -23.21
N SER A 20 -23.81 -10.68 -24.26
CA SER A 20 -25.00 -10.78 -25.12
C SER A 20 -26.23 -11.33 -24.39
N ILE A 21 -26.03 -12.01 -23.24
CA ILE A 21 -27.17 -12.54 -22.46
C ILE A 21 -27.82 -11.38 -21.74
N ARG A 22 -29.09 -11.18 -21.93
CA ARG A 22 -29.74 -10.07 -21.27
C ARG A 22 -30.66 -10.57 -20.16
N PRO A 23 -31.12 -9.66 -19.28
CA PRO A 23 -31.99 -10.09 -18.18
C PRO A 23 -33.21 -10.85 -18.63
N GLY A 24 -33.58 -11.85 -17.84
CA GLY A 24 -34.67 -12.73 -18.18
C GLY A 24 -34.75 -13.88 -17.21
N LEU A 25 -35.56 -14.86 -17.53
CA LEU A 25 -35.75 -16.03 -16.69
C LEU A 25 -34.58 -16.98 -16.89
N SER A 26 -33.85 -17.27 -15.81
CA SER A 26 -32.68 -18.11 -15.92
C SER A 26 -33.06 -19.51 -16.40
N PRO A 27 -32.31 -20.11 -17.36
CA PRO A 27 -32.58 -21.51 -17.70
C PRO A 27 -32.05 -22.50 -16.64
N TYR A 28 -31.30 -22.03 -15.62
CA TYR A 28 -30.80 -22.91 -14.56
C TYR A 28 -31.82 -23.12 -13.50
N ARG A 29 -31.91 -24.35 -12.99
CA ARG A 29 -32.78 -24.67 -11.87
C ARG A 29 -32.11 -25.64 -10.94
N ALA A 30 -32.33 -25.50 -9.64
CA ALA A 30 -31.77 -26.42 -8.64
C ALA A 30 -32.68 -27.64 -8.58
N LEU A 31 -32.08 -28.84 -8.44
CA LEU A 31 -32.82 -30.10 -8.35
C LEU A 31 -32.86 -30.44 -6.84
N LEU A 32 -33.91 -29.98 -6.13
CA LEU A 32 -34.01 -30.12 -4.67
C LEU A 32 -33.93 -31.55 -4.13
N ASP A 33 -34.28 -32.56 -4.95
CA ASP A 33 -34.13 -33.96 -4.54
C ASP A 33 -32.65 -34.36 -4.35
N THR A 34 -31.70 -33.62 -4.96
CA THR A 34 -30.25 -33.89 -4.85
C THR A 34 -29.58 -33.13 -3.71
N LEU A 35 -30.35 -32.31 -2.98
CA LEU A 35 -29.82 -31.50 -1.89
C LEU A 35 -29.27 -32.36 -0.77
N GLN A 36 -28.08 -31.99 -0.28
CA GLN A 36 -27.38 -32.66 0.82
C GLN A 36 -26.89 -31.57 1.75
N LEU A 37 -27.13 -31.74 3.04
CA LEU A 37 -26.74 -30.77 4.04
C LEU A 37 -25.86 -31.43 5.10
N GLY A 38 -24.65 -30.89 5.23
CA GLY A 38 -23.67 -31.30 6.21
C GLY A 38 -23.34 -30.15 7.13
N PRO A 39 -22.41 -30.37 8.07
CA PRO A 39 -22.05 -29.30 9.00
C PRO A 39 -21.25 -28.14 8.36
N ASP A 40 -20.50 -28.42 7.29
CA ASP A 40 -19.69 -27.40 6.61
C ASP A 40 -20.33 -26.81 5.36
N ALA A 41 -21.22 -27.54 4.68
CA ALA A 41 -21.81 -27.08 3.43
C ALA A 41 -23.13 -27.72 3.10
N LEU A 42 -23.81 -27.07 2.14
CA LEU A 42 -25.01 -27.53 1.48
C LEU A 42 -24.56 -27.72 0.04
N THR A 43 -24.87 -28.88 -0.57
CA THR A 43 -24.60 -29.14 -1.99
C THR A 43 -25.88 -29.52 -2.68
N VAL A 44 -26.08 -29.03 -3.90
CA VAL A 44 -27.27 -29.33 -4.68
C VAL A 44 -26.90 -29.24 -6.15
N HIS A 45 -27.51 -30.12 -6.96
CA HIS A 45 -27.26 -30.13 -8.38
C HIS A 45 -28.11 -29.03 -9.01
N LEU A 46 -27.55 -28.35 -9.99
CA LEU A 46 -28.24 -27.37 -10.81
C LEU A 46 -28.21 -27.94 -12.22
N ILE A 47 -29.24 -27.65 -13.05
CA ILE A 47 -29.27 -28.14 -14.42
C ILE A 47 -29.67 -27.01 -15.34
N HIS A 48 -29.12 -26.97 -16.54
CA HIS A 48 -29.49 -26.02 -17.59
C HIS A 48 -30.68 -26.71 -18.29
N GLU A 49 -31.84 -26.08 -18.29
CA GLU A 49 -33.04 -26.70 -18.85
C GLU A 49 -32.97 -27.09 -20.33
N VAL A 50 -32.14 -26.41 -21.15
CA VAL A 50 -32.05 -26.71 -22.58
C VAL A 50 -30.96 -27.74 -22.87
N THR A 51 -29.73 -27.47 -22.43
CA THR A 51 -28.58 -28.34 -22.74
C THR A 51 -28.49 -29.55 -21.81
N LYS A 52 -29.17 -29.52 -20.66
CA LYS A 52 -29.19 -30.59 -19.66
C LYS A 52 -27.81 -30.79 -18.97
N VAL A 53 -26.92 -29.78 -19.06
CA VAL A 53 -25.61 -29.79 -18.38
C VAL A 53 -25.89 -29.75 -16.87
N LEU A 54 -25.21 -30.60 -16.10
CA LEU A 54 -25.35 -30.64 -14.67
C LEU A 54 -24.18 -29.90 -13.99
N LEU A 55 -24.50 -29.04 -13.06
CA LEU A 55 -23.51 -28.32 -12.25
C LEU A 55 -23.77 -28.66 -10.80
N VAL A 56 -22.80 -28.37 -9.92
CA VAL A 56 -22.91 -28.59 -8.49
C VAL A 56 -22.72 -27.24 -7.78
N LEU A 57 -23.72 -26.84 -6.96
CA LEU A 57 -23.63 -25.66 -6.13
C LEU A 57 -23.16 -26.12 -4.74
N GLU A 58 -22.05 -25.55 -4.25
CA GLU A 58 -21.56 -25.78 -2.89
C GLU A 58 -21.74 -24.45 -2.18
N LEU A 59 -22.70 -24.40 -1.27
CA LEU A 59 -23.12 -23.22 -0.53
C LEU A 59 -22.69 -23.35 0.92
N GLN A 60 -22.00 -22.32 1.44
CA GLN A 60 -21.50 -22.35 2.81
C GLN A 60 -21.69 -21.07 3.56
N GLY A 61 -22.12 -21.20 4.80
CA GLY A 61 -22.12 -20.11 5.76
C GLY A 61 -20.71 -20.16 6.32
N LEU A 62 -20.15 -19.01 6.62
CA LEU A 62 -18.80 -18.96 7.14
C LEU A 62 -18.82 -18.10 8.36
N GLN A 63 -17.87 -18.35 9.27
CA GLN A 63 -17.66 -17.48 10.43
C GLN A 63 -17.28 -16.07 9.93
N LYS A 64 -17.61 -15.06 10.74
CA LYS A 64 -17.36 -13.65 10.49
C LYS A 64 -18.31 -13.11 9.43
N ASN A 65 -19.57 -13.53 9.45
CA ASN A 65 -20.60 -12.99 8.57
C ASN A 65 -20.31 -13.04 7.08
N MET A 66 -19.88 -14.18 6.59
CA MET A 66 -19.66 -14.36 5.17
C MET A 66 -20.40 -15.56 4.66
N THR A 67 -20.60 -15.61 3.36
CA THR A 67 -21.21 -16.73 2.65
C THR A 67 -20.31 -17.04 1.47
N ARG A 68 -20.06 -18.32 1.20
CA ARG A 68 -19.28 -18.71 0.06
C ARG A 68 -20.14 -19.50 -0.91
N ILE A 69 -20.07 -19.15 -2.19
CA ILE A 69 -20.79 -19.82 -3.29
C ILE A 69 -19.74 -20.34 -4.26
N ARG A 70 -19.73 -21.66 -4.46
CA ARG A 70 -18.88 -22.29 -5.43
C ARG A 70 -19.74 -23.12 -6.38
N ILE A 71 -19.56 -22.91 -7.69
CA ILE A 71 -20.29 -23.65 -8.72
C ILE A 71 -19.28 -24.25 -9.68
N ASP A 72 -19.44 -25.53 -9.98
CA ASP A 72 -18.58 -26.24 -10.90
C ASP A 72 -19.39 -27.32 -11.60
N GLU A 73 -18.86 -27.90 -12.67
CA GLU A 73 -19.49 -28.99 -13.40
C GLU A 73 -19.52 -30.25 -12.56
N LEU A 74 -20.62 -31.03 -12.66
CA LEU A 74 -20.76 -32.29 -11.94
C LEU A 74 -19.84 -33.33 -12.55
N GLU A 75 -19.82 -33.42 -13.88
CA GLU A 75 -19.02 -34.40 -14.59
C GLU A 75 -18.26 -33.73 -15.76
N PRO A 76 -17.18 -32.99 -15.44
CA PRO A 76 -16.43 -32.31 -16.50
C PRO A 76 -15.53 -33.25 -17.28
N ARG A 77 -15.19 -32.87 -18.52
CA ARG A 77 -14.24 -33.64 -19.33
C ARG A 77 -12.84 -33.55 -18.70
N ARG A 78 -12.52 -32.39 -18.07
CA ARG A 78 -11.23 -32.17 -17.40
C ARG A 78 -11.41 -31.17 -16.24
N PRO A 79 -10.55 -31.17 -15.23
CA PRO A 79 -10.74 -30.22 -14.12
C PRO A 79 -10.68 -28.73 -14.52
N ARG A 80 -11.45 -27.90 -13.81
CA ARG A 80 -11.48 -26.45 -13.96
C ARG A 80 -10.58 -25.87 -12.91
N TYR A 81 -9.94 -24.77 -13.25
CA TYR A 81 -9.01 -24.10 -12.34
C TYR A 81 -9.70 -23.57 -11.09
N ARG A 82 -9.04 -23.73 -9.94
CA ARG A 82 -9.47 -23.20 -8.64
C ARG A 82 -8.25 -22.40 -8.15
N VAL A 83 -8.43 -21.14 -7.81
CA VAL A 83 -7.27 -20.28 -7.50
C VAL A 83 -6.47 -20.72 -6.25
N PRO A 84 -5.18 -21.08 -6.43
CA PRO A 84 -4.34 -21.44 -5.28
C PRO A 84 -3.57 -20.25 -4.71
N ASP A 85 -3.00 -20.43 -3.49
CA ASP A 85 -2.09 -19.54 -2.79
C ASP A 85 -2.57 -18.12 -2.50
N VAL A 86 -3.85 -17.81 -2.73
CA VAL A 86 -4.39 -16.50 -2.48
C VAL A 86 -5.04 -16.52 -1.11
N LEU A 87 -5.85 -17.55 -0.83
CA LEU A 87 -6.47 -17.71 0.49
C LEU A 87 -5.37 -18.13 1.50
N VAL A 88 -5.30 -17.44 2.65
CA VAL A 88 -4.29 -17.73 3.69
C VAL A 88 -4.66 -18.93 4.54
N ALA A 89 -5.95 -19.28 4.57
CA ALA A 89 -6.40 -20.41 5.36
C ALA A 89 -7.69 -20.91 4.79
N ASP A 90 -8.07 -22.13 5.18
CA ASP A 90 -9.35 -22.73 4.82
C ASP A 90 -10.34 -21.99 5.72
N PRO A 91 -11.23 -21.13 5.18
CA PRO A 91 -12.10 -20.32 6.07
C PRO A 91 -12.97 -21.12 7.07
N PRO A 92 -12.99 -20.79 8.38
CA PRO A 92 -13.87 -21.52 9.32
C PRO A 92 -15.35 -21.40 8.95
N THR A 93 -16.05 -22.52 8.92
CA THR A 93 -17.47 -22.54 8.51
C THR A 93 -18.47 -22.27 9.64
N ALA A 94 -19.71 -22.02 9.24
CA ALA A 94 -20.87 -21.81 10.10
C ALA A 94 -21.96 -22.73 9.56
N ARG A 95 -22.61 -23.49 10.45
CA ARG A 95 -23.65 -24.46 10.08
C ARG A 95 -24.86 -23.81 9.46
N LEU A 96 -25.38 -24.40 8.37
CA LEU A 96 -26.63 -23.97 7.73
C LEU A 96 -27.72 -24.95 8.20
N SER A 97 -28.88 -24.44 8.66
CA SER A 97 -30.00 -25.28 9.15
C SER A 97 -31.25 -24.97 8.38
N VAL A 98 -32.03 -26.00 8.01
CA VAL A 98 -33.28 -25.76 7.29
C VAL A 98 -34.32 -25.23 8.29
N SER A 99 -34.71 -23.97 8.14
CA SER A 99 -35.75 -23.31 8.94
C SER A 99 -37.04 -23.12 8.14
N GLY A 100 -37.02 -23.46 6.84
CA GLY A 100 -38.19 -23.34 5.98
C GLY A 100 -38.01 -24.15 4.70
N ARG A 101 -39.12 -24.71 4.18
CA ARG A 101 -39.04 -25.55 2.98
C ARG A 101 -40.39 -25.78 2.32
N ASP A 102 -40.41 -25.71 0.98
CA ASP A 102 -41.59 -26.04 0.18
C ASP A 102 -41.12 -26.65 -1.13
N ASP A 103 -42.01 -26.83 -2.11
CA ASP A 103 -41.61 -27.53 -3.34
C ASP A 103 -40.68 -26.73 -4.27
N ASN A 104 -40.54 -25.38 -4.10
CA ASN A 104 -39.65 -24.56 -4.94
C ASN A 104 -38.63 -23.72 -4.12
N SER A 105 -38.59 -23.88 -2.80
CA SER A 105 -37.74 -23.02 -1.97
C SER A 105 -37.27 -23.72 -0.70
N VAL A 106 -36.05 -23.38 -0.25
CA VAL A 106 -35.46 -23.87 0.99
C VAL A 106 -34.88 -22.63 1.67
N GLU A 107 -35.26 -22.40 2.93
CA GLU A 107 -34.77 -21.29 3.73
C GLU A 107 -33.77 -21.86 4.70
N LEU A 108 -32.53 -21.33 4.68
CA LEU A 108 -31.46 -21.81 5.55
C LEU A 108 -31.08 -20.76 6.56
N THR A 109 -30.88 -21.16 7.82
CA THR A 109 -30.45 -20.24 8.88
C THR A 109 -28.96 -20.46 9.08
N VAL A 110 -28.18 -19.36 9.18
CA VAL A 110 -26.75 -19.45 9.38
C VAL A 110 -26.49 -19.49 10.90
N ALA A 111 -25.89 -20.57 11.37
CA ALA A 111 -25.62 -20.80 12.80
C ALA A 111 -26.94 -20.60 13.62
N GLU A 112 -26.95 -19.75 14.66
CA GLU A 112 -28.15 -19.48 15.44
C GLU A 112 -28.81 -18.14 15.02
N GLY A 113 -28.59 -17.71 13.77
CA GLY A 113 -29.13 -16.44 13.27
C GLY A 113 -28.20 -15.29 13.63
N PRO A 114 -28.47 -14.06 13.19
CA PRO A 114 -29.64 -13.60 12.45
C PRO A 114 -29.60 -13.78 10.91
N TYR A 115 -28.49 -14.28 10.33
CA TYR A 115 -28.42 -14.37 8.87
C TYR A 115 -29.15 -15.59 8.32
N LYS A 116 -29.78 -15.39 7.17
CA LYS A 116 -30.51 -16.43 6.46
C LYS A 116 -30.24 -16.35 4.97
N ILE A 117 -30.31 -17.52 4.32
CA ILE A 117 -30.16 -17.68 2.87
C ILE A 117 -31.41 -18.38 2.34
N ILE A 118 -32.08 -17.79 1.33
CA ILE A 118 -33.23 -18.44 0.67
C ILE A 118 -32.73 -18.94 -0.68
N LEU A 119 -32.77 -20.28 -0.88
CA LEU A 119 -32.49 -20.93 -2.14
C LEU A 119 -33.81 -21.18 -2.90
N THR A 120 -34.03 -20.51 -4.05
CA THR A 120 -35.20 -20.76 -4.89
C THR A 120 -34.75 -21.76 -5.95
N ALA A 121 -35.52 -22.82 -6.18
CA ALA A 121 -35.13 -23.85 -7.14
C ALA A 121 -35.33 -23.41 -8.60
N GLN A 122 -36.50 -22.89 -8.95
CA GLN A 122 -36.85 -22.56 -10.32
C GLN A 122 -37.48 -21.18 -10.42
N PRO A 123 -36.84 -20.22 -11.10
CA PRO A 123 -35.45 -20.25 -11.59
C PRO A 123 -34.49 -20.22 -10.41
N PHE A 124 -33.28 -20.75 -10.60
CA PHE A 124 -32.26 -20.78 -9.57
C PHE A 124 -31.96 -19.35 -9.09
N ARG A 125 -32.03 -19.14 -7.79
CA ARG A 125 -31.77 -17.84 -7.19
C ARG A 125 -31.34 -18.04 -5.74
N LEU A 126 -30.54 -17.11 -5.22
CA LEU A 126 -30.16 -17.11 -3.81
C LEU A 126 -30.43 -15.70 -3.27
N ASP A 127 -31.09 -15.61 -2.10
CA ASP A 127 -31.34 -14.34 -1.40
C ASP A 127 -30.66 -14.40 -0.05
N LEU A 128 -29.88 -13.36 0.31
CA LEU A 128 -29.13 -13.30 1.57
C LEU A 128 -29.75 -12.21 2.43
N LEU A 129 -30.21 -12.57 3.62
CA LEU A 129 -30.85 -11.62 4.51
C LEU A 129 -30.21 -11.61 5.89
N GLU A 130 -30.40 -10.49 6.60
CA GLU A 130 -30.13 -10.37 8.01
C GLU A 130 -31.51 -10.17 8.63
N ASP A 131 -31.99 -11.17 9.38
CA ASP A 131 -33.33 -11.11 9.99
C ASP A 131 -34.36 -10.93 8.85
N ARG A 132 -34.98 -9.75 8.69
CA ARG A 132 -35.97 -9.48 7.63
C ARG A 132 -35.43 -8.51 6.56
N SER A 133 -34.16 -8.07 6.68
CA SER A 133 -33.57 -7.13 5.74
C SER A 133 -32.87 -7.88 4.60
N LEU A 134 -33.33 -7.67 3.34
CA LEU A 134 -32.71 -8.28 2.16
C LEU A 134 -31.39 -7.58 1.90
N LEU A 135 -30.28 -8.31 1.97
CA LEU A 135 -28.95 -7.72 1.76
C LEU A 135 -28.55 -7.80 0.29
N LEU A 136 -28.69 -8.99 -0.30
CA LEU A 136 -28.40 -9.17 -1.71
C LEU A 136 -29.04 -10.39 -2.30
N SER A 137 -29.16 -10.39 -3.61
CA SER A 137 -29.66 -11.53 -4.36
C SER A 137 -28.60 -11.93 -5.37
N VAL A 138 -28.64 -13.19 -5.78
CA VAL A 138 -27.73 -13.82 -6.71
C VAL A 138 -28.58 -14.41 -7.82
N ASN A 139 -28.24 -14.09 -9.06
CA ASN A 139 -28.96 -14.52 -10.27
C ASN A 139 -30.39 -13.93 -10.36
N ALA A 140 -30.64 -12.78 -9.70
CA ALA A 140 -31.95 -12.10 -9.75
C ALA A 140 -32.28 -11.63 -11.20
N ARG A 141 -31.27 -11.25 -12.00
CA ARG A 141 -31.51 -10.86 -13.41
C ARG A 141 -31.36 -12.04 -14.40
N GLY A 142 -31.10 -13.24 -13.89
CA GLY A 142 -30.98 -14.44 -14.70
C GLY A 142 -29.77 -14.41 -15.63
N LEU A 143 -28.67 -13.80 -15.20
CA LEU A 143 -27.48 -13.67 -16.04
C LEU A 143 -26.43 -14.74 -15.79
N MET A 144 -26.71 -15.76 -14.94
CA MET A 144 -25.78 -16.84 -14.72
C MET A 144 -25.49 -17.57 -16.04
N ALA A 145 -24.21 -17.83 -16.30
CA ALA A 145 -23.78 -18.46 -17.54
C ALA A 145 -22.54 -19.28 -17.26
N PHE A 146 -22.67 -20.58 -17.44
CA PHE A 146 -21.60 -21.53 -17.20
C PHE A 146 -21.38 -22.33 -18.48
N GLU A 147 -20.41 -21.94 -19.30
CA GLU A 147 -20.12 -22.64 -20.54
C GLU A 147 -19.44 -23.97 -20.20
N HIS A 148 -20.13 -25.09 -20.38
CA HIS A 148 -19.56 -26.40 -20.04
C HIS A 148 -18.43 -26.78 -21.00
N GLN A 149 -17.50 -27.59 -20.54
CA GLN A 149 -16.38 -28.05 -21.37
C GLN A 149 -16.85 -29.05 -22.45
N ARG A 150 -16.72 -28.67 -23.72
CA ARG A 150 -17.14 -29.46 -24.89
C ARG A 150 -16.02 -30.39 -25.34
N ALA A 151 -16.28 -31.31 -26.31
CA ALA A 151 -15.23 -32.22 -26.78
C ALA A 151 -14.10 -31.41 -27.45
N PRO A 152 -12.85 -31.43 -26.90
CA PRO A 152 -11.75 -30.64 -27.51
C PRO A 152 -11.52 -30.89 -29.01
N ARG A 153 -10.98 -29.88 -29.71
CA ARG A 153 -10.72 -29.92 -31.16
C ARG A 153 -9.26 -29.53 -31.42
N GLU A 212 -20.48 -18.96 -31.79
CA GLU A 212 -19.82 -19.67 -32.89
C GLU A 212 -18.51 -18.98 -33.31
N PRO A 213 -18.52 -17.75 -33.89
CA PRO A 213 -17.25 -17.12 -34.29
C PRO A 213 -16.39 -16.74 -33.09
N GLY A 214 -15.14 -17.22 -33.08
CA GLY A 214 -14.22 -16.98 -31.98
C GLY A 214 -14.39 -17.90 -30.79
N ALA A 215 -15.42 -18.79 -30.76
CA ALA A 215 -15.63 -19.71 -29.63
C ALA A 215 -14.43 -20.67 -29.46
N TRP A 216 -13.88 -21.16 -30.59
CA TRP A 216 -12.73 -22.06 -30.61
C TRP A 216 -11.48 -21.24 -31.04
N GLU A 217 -10.76 -21.61 -32.13
CA GLU A 217 -9.54 -20.88 -32.55
C GLU A 217 -9.91 -19.42 -32.73
N GLU A 218 -9.07 -18.53 -32.24
CA GLU A 218 -9.40 -17.09 -32.23
C GLU A 218 -8.16 -16.29 -32.53
N THR A 219 -8.30 -15.19 -33.28
CA THR A 219 -7.14 -14.34 -33.61
C THR A 219 -7.41 -12.92 -33.14
N PHE A 220 -6.37 -12.24 -32.70
CA PHE A 220 -6.43 -10.83 -32.30
C PHE A 220 -5.20 -10.22 -32.90
N LYS A 221 -5.40 -9.30 -33.87
CA LYS A 221 -4.33 -8.72 -34.68
C LYS A 221 -3.72 -9.90 -35.46
N THR A 222 -2.44 -10.25 -35.25
CA THR A 222 -1.82 -11.40 -35.93
C THR A 222 -1.61 -12.56 -34.95
N HIS A 223 -2.05 -12.42 -33.67
CA HIS A 223 -1.81 -13.42 -32.63
C HIS A 223 -2.92 -14.43 -32.62
N SER A 224 -2.58 -15.69 -32.71
CA SER A 224 -3.56 -16.75 -32.80
C SER A 224 -3.61 -17.48 -31.48
N ASP A 225 -4.83 -17.69 -30.96
CA ASP A 225 -5.10 -18.47 -29.77
C ASP A 225 -5.70 -19.79 -30.30
N SER A 226 -4.99 -20.90 -30.14
CA SER A 226 -5.49 -22.20 -30.60
C SER A 226 -6.68 -22.70 -29.80
N LYS A 227 -6.90 -22.16 -28.57
CA LYS A 227 -8.08 -22.46 -27.75
C LYS A 227 -8.51 -23.94 -27.80
N PRO A 228 -7.61 -24.84 -27.34
CA PRO A 228 -7.92 -26.29 -27.42
C PRO A 228 -9.18 -26.72 -26.68
N TYR A 229 -9.54 -26.01 -25.58
CA TYR A 229 -10.72 -26.41 -24.78
C TYR A 229 -12.00 -25.66 -25.13
N GLY A 230 -11.97 -24.79 -26.15
CA GLY A 230 -13.14 -24.07 -26.60
C GLY A 230 -13.77 -23.13 -25.58
N PRO A 231 -15.07 -22.84 -25.72
CA PRO A 231 -15.73 -21.90 -24.79
C PRO A 231 -15.93 -22.48 -23.38
N THR A 232 -15.38 -21.83 -22.34
CA THR A 232 -15.49 -22.33 -20.95
C THR A 232 -15.75 -21.18 -19.96
N SER A 233 -16.30 -20.05 -20.44
CA SER A 233 -16.47 -18.92 -19.55
C SER A 233 -17.61 -19.11 -18.54
N VAL A 234 -17.47 -18.41 -17.42
CA VAL A 234 -18.41 -18.47 -16.31
C VAL A 234 -18.78 -17.06 -15.92
N GLY A 235 -20.00 -16.88 -15.49
CA GLY A 235 -20.47 -15.56 -15.10
C GLY A 235 -21.69 -15.63 -14.24
N LEU A 236 -21.89 -14.59 -13.44
CA LEU A 236 -22.98 -14.51 -12.49
C LEU A 236 -23.24 -13.09 -12.03
N ASP A 237 -24.55 -12.77 -11.81
CA ASP A 237 -24.96 -11.44 -11.38
C ASP A 237 -25.40 -11.38 -9.92
N PHE A 238 -25.24 -10.19 -9.31
CA PHE A 238 -25.54 -9.90 -7.92
C PHE A 238 -26.30 -8.60 -7.84
N SER A 239 -27.34 -8.55 -6.99
CA SER A 239 -28.17 -7.36 -6.80
C SER A 239 -27.99 -6.86 -5.41
N LEU A 240 -27.85 -5.53 -5.28
CA LEU A 240 -27.57 -4.86 -4.01
C LEU A 240 -28.63 -3.82 -3.70
N PRO A 241 -29.80 -4.23 -3.16
CA PRO A 241 -30.85 -3.25 -2.82
C PRO A 241 -30.40 -2.25 -1.76
N GLY A 242 -30.66 -0.98 -2.02
CA GLY A 242 -30.26 0.11 -1.15
C GLY A 242 -28.89 0.69 -1.46
N MET A 243 -28.08 0.03 -2.32
CA MET A 243 -26.74 0.51 -2.65
C MET A 243 -26.75 1.29 -3.94
N GLU A 244 -26.19 2.50 -3.87
CA GLU A 244 -26.00 3.38 -5.01
C GLU A 244 -24.51 3.70 -5.24
N HIS A 245 -23.60 3.26 -4.34
CA HIS A 245 -22.18 3.60 -4.46
C HIS A 245 -21.34 2.34 -4.32
N VAL A 246 -20.54 2.04 -5.34
CA VAL A 246 -19.67 0.86 -5.32
C VAL A 246 -18.24 1.28 -5.67
N TYR A 247 -17.27 0.54 -5.14
CA TYR A 247 -15.83 0.83 -5.21
C TYR A 247 -15.00 -0.41 -5.34
N GLY A 248 -13.72 -0.21 -5.65
CA GLY A 248 -12.73 -1.26 -5.72
C GLY A 248 -12.41 -1.68 -7.13
N ILE A 249 -12.32 -3.02 -7.33
CA ILE A 249 -11.88 -3.69 -8.53
C ILE A 249 -10.73 -2.92 -9.26
N PRO A 250 -9.64 -2.58 -8.55
CA PRO A 250 -8.49 -1.98 -9.26
C PRO A 250 -7.82 -3.02 -10.16
N GLU A 251 -7.01 -2.63 -11.15
CA GLU A 251 -6.49 -1.28 -11.33
C GLU A 251 -7.05 -0.59 -12.56
N HIS A 252 -7.64 0.59 -12.35
CA HIS A 252 -8.16 1.46 -13.41
C HIS A 252 -7.79 2.90 -13.09
N ALA A 253 -7.48 3.68 -14.12
CA ALA A 253 -7.17 5.11 -13.95
C ALA A 253 -8.55 5.76 -14.05
N ASP A 254 -9.32 5.64 -12.97
CA ASP A 254 -10.69 6.10 -12.93
C ASP A 254 -11.08 6.53 -11.53
N SER A 255 -12.26 7.13 -11.45
CA SER A 255 -12.81 7.66 -10.21
C SER A 255 -12.98 6.58 -9.13
N LEU A 256 -12.88 7.00 -7.88
CA LEU A 256 -13.04 6.12 -6.71
C LEU A 256 -14.42 5.47 -6.71
N ARG A 257 -15.46 6.29 -6.86
CA ARG A 257 -16.82 5.76 -6.93
C ARG A 257 -16.96 5.27 -8.35
N LEU A 258 -17.16 3.96 -8.52
CA LEU A 258 -17.22 3.35 -9.85
C LEU A 258 -18.46 3.83 -10.61
N LYS A 259 -18.30 3.96 -11.93
CA LYS A 259 -19.38 4.35 -12.82
C LYS A 259 -20.17 3.17 -13.32
N VAL A 260 -21.39 3.47 -13.73
CA VAL A 260 -22.25 2.51 -14.40
C VAL A 260 -21.58 2.23 -15.76
N THR A 261 -21.65 0.99 -16.24
CA THR A 261 -20.99 0.58 -17.49
C THR A 261 -21.95 0.29 -18.64
N GLU A 262 -23.26 0.48 -18.40
CA GLU A 262 -24.41 0.25 -19.28
C GLU A 262 -24.24 0.72 -20.72
N GLY A 263 -23.83 1.96 -20.92
CA GLY A 263 -23.65 2.51 -22.26
C GLY A 263 -22.24 2.46 -22.80
N GLY A 264 -21.36 1.69 -22.16
CA GLY A 264 -19.97 1.61 -22.60
C GLY A 264 -19.37 0.26 -22.33
N GLU A 265 -18.11 0.24 -21.99
CA GLU A 265 -17.38 -1.00 -21.73
C GLU A 265 -17.53 -1.42 -20.29
N PRO A 266 -17.53 -2.73 -19.98
CA PRO A 266 -17.45 -3.12 -18.56
C PRO A 266 -16.04 -2.79 -18.04
N TYR A 267 -15.85 -2.81 -16.72
CA TYR A 267 -14.52 -2.66 -16.13
C TYR A 267 -13.77 -3.94 -16.46
N ARG A 268 -12.50 -3.85 -16.85
CA ARG A 268 -11.75 -5.04 -17.22
C ARG A 268 -10.65 -5.34 -16.19
N LEU A 269 -10.48 -6.62 -15.81
CA LEU A 269 -9.44 -7.07 -14.89
C LEU A 269 -8.60 -8.08 -15.65
N TYR A 270 -7.48 -7.60 -16.19
CA TYR A 270 -6.53 -8.42 -16.93
C TYR A 270 -5.19 -7.68 -16.89
N ASN A 271 -4.24 -8.20 -16.12
CA ASN A 271 -2.96 -7.55 -15.90
C ASN A 271 -2.25 -7.25 -17.22
N LEU A 272 -2.17 -5.96 -17.57
CA LEU A 272 -1.60 -5.56 -18.83
C LEU A 272 -0.68 -4.34 -18.71
N ASP A 273 0.33 -4.29 -19.62
CA ASP A 273 1.27 -3.19 -19.72
C ASP A 273 0.67 -2.25 -20.78
N VAL A 274 0.11 -1.12 -20.33
CA VAL A 274 -0.59 -0.16 -21.19
C VAL A 274 0.23 1.10 -21.32
N PHE A 275 0.93 1.24 -22.45
CA PHE A 275 1.84 2.37 -22.71
C PHE A 275 1.06 3.68 -22.83
N GLN A 276 1.45 4.71 -22.06
CA GLN A 276 0.78 6.02 -22.04
C GLN A 276 -0.72 5.90 -21.75
N TYR A 277 -1.04 5.18 -20.66
CA TYR A 277 -2.44 5.00 -20.29
C TYR A 277 -3.13 6.35 -20.06
N GLU A 278 -4.41 6.40 -20.37
CA GLU A 278 -5.22 7.61 -20.28
C GLU A 278 -6.15 7.56 -19.08
N LEU A 279 -6.77 8.69 -18.75
CA LEU A 279 -7.58 8.81 -17.55
C LEU A 279 -9.05 8.70 -17.76
N ASN A 280 -9.76 8.37 -16.66
CA ASN A 280 -11.19 8.22 -16.56
C ASN A 280 -11.77 7.27 -17.61
N ASN A 281 -11.22 6.05 -17.65
CA ASN A 281 -11.71 5.00 -18.53
C ASN A 281 -11.52 3.63 -17.83
N PRO A 282 -12.23 2.60 -18.31
CA PRO A 282 -12.21 1.27 -17.64
C PRO A 282 -11.22 0.26 -18.23
N MET A 283 -10.23 0.69 -19.02
CA MET A 283 -9.25 -0.24 -19.57
C MET A 283 -8.47 -0.91 -18.44
N ALA A 284 -8.17 -2.19 -18.62
CA ALA A 284 -7.38 -2.93 -17.65
C ALA A 284 -5.98 -2.36 -17.60
N LEU A 285 -5.49 -2.14 -16.38
CA LEU A 285 -4.11 -1.73 -16.15
C LEU A 285 -3.30 -2.92 -15.57
N TYR A 286 -2.20 -2.68 -14.87
CA TYR A 286 -1.19 -3.69 -14.55
C TYR A 286 -1.58 -4.72 -13.51
N GLY A 287 -2.55 -4.38 -12.67
CA GLY A 287 -3.01 -5.23 -11.58
C GLY A 287 -4.51 -5.41 -11.57
N SER A 288 -4.92 -6.44 -10.85
CA SER A 288 -6.31 -6.88 -10.77
C SER A 288 -6.65 -7.38 -9.40
N VAL A 289 -7.60 -6.73 -8.69
CA VAL A 289 -8.06 -7.23 -7.39
C VAL A 289 -9.58 -7.37 -7.52
N PRO A 290 -10.08 -8.61 -7.65
CA PRO A 290 -11.52 -8.82 -7.93
C PRO A 290 -12.37 -8.77 -6.67
N VAL A 291 -12.39 -7.57 -6.04
CA VAL A 291 -13.08 -7.26 -4.81
C VAL A 291 -13.82 -5.95 -5.06
N LEU A 292 -15.12 -5.95 -4.80
CA LEU A 292 -15.97 -4.79 -4.96
C LEU A 292 -16.64 -4.52 -3.62
N LEU A 293 -16.58 -3.26 -3.17
CA LEU A 293 -17.24 -2.83 -1.94
C LEU A 293 -18.47 -2.00 -2.28
N ALA A 294 -19.51 -2.09 -1.45
CA ALA A 294 -20.74 -1.33 -1.63
C ALA A 294 -21.04 -0.61 -0.34
N HIS A 295 -21.27 0.69 -0.40
CA HIS A 295 -21.53 1.49 0.79
C HIS A 295 -22.88 2.23 0.70
N SER A 296 -23.59 2.28 1.82
CA SER A 296 -24.76 3.13 1.99
C SER A 296 -24.70 3.68 3.40
N PHE A 297 -25.61 4.61 3.70
CA PHE A 297 -25.80 5.18 5.04
C PHE A 297 -26.05 4.04 6.03
N HIS A 298 -26.73 2.96 5.61
CA HIS A 298 -27.16 1.84 6.49
C HIS A 298 -26.22 0.67 6.62
N ARG A 299 -25.45 0.37 5.59
CA ARG A 299 -24.64 -0.84 5.63
C ARG A 299 -23.49 -0.82 4.63
N ASP A 300 -22.54 -1.74 4.85
CA ASP A 300 -21.40 -2.02 3.99
C ASP A 300 -21.40 -3.50 3.64
N LEU A 301 -21.14 -3.79 2.39
CA LEU A 301 -21.05 -5.15 1.90
C LEU A 301 -19.83 -5.25 0.99
N GLY A 302 -19.34 -6.47 0.83
CA GLY A 302 -18.26 -6.73 -0.12
C GLY A 302 -18.49 -8.01 -0.90
N ILE A 303 -18.02 -8.04 -2.14
CA ILE A 303 -18.08 -9.20 -3.03
C ILE A 303 -16.64 -9.49 -3.49
N PHE A 304 -16.14 -10.70 -3.20
CA PHE A 304 -14.79 -11.14 -3.59
C PHE A 304 -14.96 -12.32 -4.53
N TRP A 305 -14.65 -12.10 -5.81
CA TRP A 305 -14.81 -13.05 -6.91
C TRP A 305 -13.46 -13.74 -7.17
N LEU A 306 -13.25 -14.93 -6.55
CA LEU A 306 -11.95 -15.61 -6.60
C LEU A 306 -11.77 -16.37 -7.89
N ASN A 307 -11.30 -15.65 -8.90
CA ASN A 307 -11.02 -16.17 -10.24
C ASN A 307 -9.76 -15.43 -10.75
N ALA A 308 -8.79 -16.18 -11.32
CA ALA A 308 -7.52 -15.63 -11.81
C ALA A 308 -7.52 -15.34 -13.32
N ALA A 309 -8.61 -15.71 -14.04
CA ALA A 309 -8.71 -15.51 -15.47
C ALA A 309 -9.20 -14.10 -15.80
N GLU A 310 -9.04 -13.71 -17.05
CA GLU A 310 -9.52 -12.44 -17.59
C GLU A 310 -10.94 -12.26 -17.13
N THR A 311 -11.26 -11.14 -16.48
CA THR A 311 -12.60 -10.91 -15.90
C THR A 311 -13.14 -9.52 -16.27
N TRP A 312 -14.41 -9.46 -16.66
CA TRP A 312 -15.09 -8.22 -17.02
C TRP A 312 -16.20 -8.02 -15.99
N VAL A 313 -16.39 -6.79 -15.51
CA VAL A 313 -17.39 -6.47 -14.49
C VAL A 313 -18.35 -5.39 -15.00
N ASP A 314 -19.64 -5.69 -15.08
CA ASP A 314 -20.66 -4.72 -15.47
C ASP A 314 -21.36 -4.22 -14.21
N ILE A 315 -21.64 -2.93 -14.19
CA ILE A 315 -22.27 -2.25 -13.08
C ILE A 315 -23.43 -1.48 -13.64
N SER A 316 -24.62 -1.67 -13.09
CA SER A 316 -25.81 -0.95 -13.53
C SER A 316 -26.62 -0.52 -12.31
N SER A 317 -27.37 0.58 -12.47
CA SER A 317 -28.21 1.17 -11.43
C SER A 317 -29.69 1.06 -11.78
N ASN A 318 -30.56 1.16 -10.77
CA ASN A 318 -32.04 1.09 -10.90
C ASN A 318 -32.66 2.02 -9.85
N THR A 338 -35.78 1.66 -2.57
CA THR A 338 -35.91 1.62 -4.03
C THR A 338 -34.54 1.64 -4.76
N PRO A 339 -33.56 2.54 -4.46
CA PRO A 339 -32.26 2.48 -5.17
C PRO A 339 -31.58 1.12 -5.11
N GLN A 340 -30.94 0.68 -6.23
CA GLN A 340 -30.27 -0.63 -6.29
C GLN A 340 -29.16 -0.63 -7.32
N THR A 341 -28.07 -1.36 -7.03
CA THR A 341 -26.95 -1.54 -7.95
C THR A 341 -26.84 -3.03 -8.22
N ASP A 342 -26.72 -3.37 -9.50
CA ASP A 342 -26.48 -4.74 -9.94
C ASP A 342 -25.07 -4.83 -10.46
N ILE A 343 -24.41 -5.95 -10.13
CA ILE A 343 -23.04 -6.24 -10.51
C ILE A 343 -23.02 -7.58 -11.23
N ARG A 344 -22.31 -7.66 -12.33
CA ARG A 344 -22.17 -8.90 -13.07
C ARG A 344 -20.70 -9.16 -13.30
N TRP A 345 -20.23 -10.38 -13.02
CA TRP A 345 -18.82 -10.76 -13.21
C TRP A 345 -18.77 -11.78 -14.33
N MET A 346 -17.78 -11.69 -15.22
CA MET A 346 -17.69 -12.62 -16.34
C MET A 346 -16.22 -13.01 -16.51
N SER A 347 -15.88 -14.29 -16.33
CA SER A 347 -14.47 -14.77 -16.35
C SER A 347 -14.25 -15.84 -17.42
N GLU A 348 -13.08 -15.86 -18.04
CA GLU A 348 -12.82 -16.76 -19.16
C GLU A 348 -12.89 -18.23 -18.84
N SER A 349 -12.43 -18.61 -17.65
CA SER A 349 -12.36 -20.01 -17.27
C SER A 349 -12.41 -20.12 -15.74
N GLY A 350 -12.06 -21.28 -15.23
CA GLY A 350 -12.13 -21.56 -13.80
C GLY A 350 -13.55 -21.86 -13.35
N ILE A 351 -13.77 -21.88 -12.06
CA ILE A 351 -15.10 -22.10 -11.47
C ILE A 351 -15.65 -20.76 -11.04
N ILE A 352 -16.89 -20.76 -10.59
CA ILE A 352 -17.51 -19.62 -9.93
C ILE A 352 -17.12 -19.88 -8.49
N ASP A 353 -16.38 -18.96 -7.87
CA ASP A 353 -16.01 -19.05 -6.45
C ASP A 353 -16.12 -17.62 -5.95
N VAL A 354 -17.14 -17.35 -5.14
CA VAL A 354 -17.41 -16.01 -4.67
C VAL A 354 -17.70 -15.99 -3.20
N PHE A 355 -17.15 -14.95 -2.55
CA PHE A 355 -17.35 -14.67 -1.15
C PHE A 355 -18.19 -13.42 -1.02
N LEU A 356 -19.26 -13.51 -0.26
CA LEU A 356 -20.13 -12.39 0.07
C LEU A 356 -19.82 -12.04 1.52
N MET A 357 -19.33 -10.82 1.72
CA MET A 357 -18.84 -10.28 2.98
C MET A 357 -19.88 -9.33 3.47
N LEU A 358 -20.66 -9.75 4.47
CA LEU A 358 -21.88 -9.04 4.84
C LEU A 358 -21.74 -7.94 5.89
N GLY A 359 -20.51 -7.58 6.23
CA GLY A 359 -20.34 -6.46 7.13
C GLY A 359 -20.86 -6.72 8.54
N PRO A 360 -21.66 -5.82 9.14
CA PRO A 360 -22.35 -4.65 8.57
C PRO A 360 -21.57 -3.37 8.37
N SER A 361 -20.48 -3.15 9.11
CA SER A 361 -19.69 -1.91 8.95
C SER A 361 -18.57 -2.16 7.92
N VAL A 362 -17.98 -1.11 7.41
CA VAL A 362 -16.88 -1.27 6.46
C VAL A 362 -15.66 -1.90 7.12
N PHE A 363 -15.45 -1.62 8.41
CA PHE A 363 -14.37 -2.22 9.20
C PHE A 363 -14.61 -3.72 9.36
N ASP A 364 -15.89 -4.14 9.50
CA ASP A 364 -16.21 -5.57 9.52
C ASP A 364 -15.86 -6.19 8.14
N VAL A 365 -16.13 -5.48 7.03
CA VAL A 365 -15.77 -5.98 5.69
C VAL A 365 -14.25 -6.10 5.55
N PHE A 366 -13.51 -5.08 6.02
CA PHE A 366 -12.03 -5.16 5.98
C PHE A 366 -11.52 -6.40 6.73
N ARG A 367 -12.07 -6.68 7.94
CA ARG A 367 -11.65 -7.84 8.74
C ARG A 367 -12.00 -9.15 8.03
N GLN A 368 -13.20 -9.21 7.45
CA GLN A 368 -13.69 -10.37 6.68
C GLN A 368 -12.76 -10.70 5.56
N TYR A 369 -12.46 -9.71 4.72
CA TYR A 369 -11.54 -9.90 3.60
C TYR A 369 -10.12 -10.26 4.05
N ALA A 370 -9.63 -9.59 5.10
CA ALA A 370 -8.31 -9.90 5.66
C ALA A 370 -8.24 -11.35 6.21
N SER A 371 -9.33 -11.90 6.75
CA SER A 371 -9.35 -13.29 7.24
C SER A 371 -9.18 -14.27 6.08
N LEU A 372 -9.55 -13.87 4.86
CA LEU A 372 -9.42 -14.71 3.67
C LEU A 372 -8.06 -14.60 3.00
N THR A 373 -7.59 -13.37 2.73
CA THR A 373 -6.38 -13.14 1.93
C THR A 373 -5.17 -12.55 2.69
N GLY A 374 -5.30 -12.36 3.99
CA GLY A 374 -4.22 -11.87 4.82
C GLY A 374 -4.18 -10.36 4.90
N THR A 375 -3.16 -9.86 5.56
CA THR A 375 -3.02 -8.43 5.81
C THR A 375 -1.76 -7.89 5.15
N GLN A 376 -1.66 -6.55 5.10
CA GLN A 376 -0.52 -5.84 4.59
C GLN A 376 0.77 -6.28 5.35
N ALA A 377 1.83 -6.66 4.61
CA ALA A 377 3.13 -7.00 5.23
C ALA A 377 3.65 -5.72 5.87
N LEU A 378 4.19 -5.81 7.08
CA LEU A 378 4.69 -4.67 7.83
C LEU A 378 5.95 -4.17 7.10
N PRO A 379 5.92 -2.98 6.47
CA PRO A 379 7.12 -2.51 5.76
C PRO A 379 8.27 -2.24 6.72
N PRO A 380 9.50 -2.51 6.33
CA PRO A 380 10.62 -2.02 7.14
C PRO A 380 10.48 -0.50 7.13
N LEU A 381 10.82 0.15 8.24
CA LEU A 381 10.67 1.58 8.36
C LEU A 381 11.28 2.38 7.19
N PHE A 382 12.51 2.06 6.78
CA PHE A 382 13.17 2.83 5.71
C PHE A 382 12.29 2.95 4.44
N SER A 383 11.49 1.89 4.12
CA SER A 383 10.65 1.87 2.91
C SER A 383 9.48 2.83 2.96
N LEU A 384 9.18 3.40 4.14
CA LEU A 384 8.20 4.46 4.34
C LEU A 384 8.81 5.88 4.27
N GLY A 385 10.13 5.96 4.08
CA GLY A 385 10.83 7.21 3.83
C GLY A 385 10.70 7.61 2.38
N TYR A 386 11.57 8.49 1.93
CA TYR A 386 11.57 9.00 0.58
C TYR A 386 12.53 8.20 -0.29
N HIS A 387 12.02 7.81 -1.48
CA HIS A 387 12.74 7.05 -2.49
C HIS A 387 13.06 7.96 -3.72
N GLN A 388 14.30 7.97 -4.14
CA GLN A 388 14.75 8.73 -5.31
C GLN A 388 15.13 7.78 -6.42
N SER A 389 14.45 7.91 -7.55
CA SER A 389 14.64 7.05 -8.71
C SER A 389 14.55 7.81 -10.03
N ARG A 390 15.07 7.17 -11.07
CA ARG A 390 14.85 7.48 -12.46
C ARG A 390 15.36 6.32 -13.31
N TRP A 391 14.94 6.30 -14.55
CA TRP A 391 15.48 5.42 -15.58
C TRP A 391 16.46 6.36 -16.33
N ASN A 392 17.77 6.35 -16.10
CA ASN A 392 18.53 5.59 -15.15
C ASN A 392 19.56 6.48 -14.54
N TYR A 393 20.05 6.10 -13.37
CA TYR A 393 21.29 6.70 -12.86
C TYR A 393 22.42 6.00 -13.67
N ARG A 394 23.40 6.78 -14.13
CA ARG A 394 24.42 6.34 -15.11
C ARG A 394 25.33 5.27 -14.63
N ASP A 395 25.85 5.46 -13.41
CA ASP A 395 26.88 4.62 -12.85
C ASP A 395 27.05 4.89 -11.36
N GLU A 396 28.06 4.29 -10.75
CA GLU A 396 28.35 4.44 -9.34
C GLU A 396 28.58 5.90 -8.99
N ALA A 397 29.37 6.63 -9.80
CA ALA A 397 29.65 8.05 -9.53
C ALA A 397 28.35 8.85 -9.47
N ASP A 398 27.41 8.59 -10.41
CA ASP A 398 26.12 9.26 -10.43
C ASP A 398 25.31 8.96 -9.14
N VAL A 399 25.24 7.70 -8.75
CA VAL A 399 24.55 7.29 -7.50
C VAL A 399 25.16 8.04 -6.30
N LEU A 400 26.49 8.05 -6.20
CA LEU A 400 27.16 8.74 -5.10
C LEU A 400 27.00 10.27 -5.16
N GLU A 401 26.91 10.88 -6.35
CA GLU A 401 26.67 12.32 -6.46
C GLU A 401 25.25 12.65 -5.99
N VAL A 402 24.28 11.79 -6.33
CA VAL A 402 22.86 11.97 -5.94
C VAL A 402 22.77 11.87 -4.39
N ASP A 403 23.39 10.85 -3.83
CA ASP A 403 23.47 10.66 -2.38
C ASP A 403 24.03 11.93 -1.72
N GLN A 404 25.16 12.41 -2.24
CA GLN A 404 25.80 13.60 -1.70
C GLN A 404 24.95 14.87 -1.88
N GLY A 405 24.23 14.96 -2.99
CA GLY A 405 23.31 16.07 -3.31
C GLY A 405 22.21 16.23 -2.25
N PHE A 406 21.66 15.11 -1.76
CA PHE A 406 20.63 15.19 -0.68
C PHE A 406 21.23 15.81 0.60
N ASP A 407 22.43 15.37 0.94
CA ASP A 407 23.08 15.88 2.16
C ASP A 407 23.57 17.30 2.01
N ASP A 408 24.11 17.67 0.84
CA ASP A 408 24.56 19.04 0.61
C ASP A 408 23.38 20.03 0.57
N HIS A 409 22.15 19.56 0.26
CA HIS A 409 20.97 20.44 0.21
C HIS A 409 19.99 20.22 1.39
N ASN A 410 20.42 19.48 2.40
CA ASN A 410 19.64 19.18 3.60
C ASN A 410 18.21 18.67 3.24
N MET A 411 18.18 17.60 2.47
CA MET A 411 16.93 16.99 2.03
C MET A 411 17.05 15.51 2.36
N PRO A 412 16.14 14.97 3.17
CA PRO A 412 16.26 13.54 3.51
C PRO A 412 15.83 12.60 2.40
N CYS A 413 16.43 11.41 2.40
CA CYS A 413 16.18 10.35 1.43
C CYS A 413 16.67 9.00 2.01
N ASP A 414 15.83 7.95 1.94
CA ASP A 414 16.24 6.64 2.44
C ASP A 414 16.87 5.71 1.41
N VAL A 415 16.42 5.82 0.13
CA VAL A 415 16.78 4.89 -0.91
C VAL A 415 16.98 5.55 -2.25
N ILE A 416 18.02 5.08 -2.98
CA ILE A 416 18.31 5.47 -4.35
C ILE A 416 18.12 4.19 -5.19
N TRP A 417 17.45 4.31 -6.33
CA TRP A 417 17.02 3.17 -7.14
C TRP A 417 17.82 3.00 -8.42
N LEU A 418 18.03 1.74 -8.81
CA LEU A 418 18.80 1.37 -10.00
C LEU A 418 17.89 0.66 -10.95
N ASP A 419 17.56 1.36 -12.04
CA ASP A 419 16.66 0.85 -13.07
C ASP A 419 17.45 -0.10 -14.00
N ILE A 420 16.84 -0.59 -15.09
CA ILE A 420 17.36 -1.66 -15.96
C ILE A 420 18.74 -1.43 -16.57
N GLU A 421 19.20 -0.18 -16.68
CA GLU A 421 20.53 0.07 -17.24
C GLU A 421 21.66 -0.30 -16.30
N HIS A 422 21.38 -0.65 -15.04
CA HIS A 422 22.43 -1.04 -14.10
C HIS A 422 22.97 -2.43 -14.37
N ALA A 423 22.17 -3.30 -14.98
CA ALA A 423 22.55 -4.69 -15.25
C ALA A 423 23.44 -4.81 -16.50
N ASP A 424 24.00 -5.98 -16.70
CA ASP A 424 24.77 -6.28 -17.93
C ASP A 424 23.77 -6.66 -19.02
N GLY A 425 23.43 -5.67 -19.86
CA GLY A 425 22.54 -5.86 -20.98
C GLY A 425 21.19 -6.48 -20.65
N LYS A 426 20.59 -6.01 -19.54
CA LYS A 426 19.29 -6.50 -19.09
C LYS A 426 19.29 -8.01 -18.76
N ARG A 427 20.43 -8.51 -18.30
CA ARG A 427 20.54 -9.84 -17.71
C ARG A 427 20.35 -9.53 -16.23
N TYR A 428 19.23 -9.96 -15.63
CA TYR A 428 18.98 -9.62 -14.24
C TYR A 428 19.86 -10.41 -13.31
N PHE A 429 20.10 -9.85 -12.12
CA PHE A 429 21.05 -10.38 -11.14
C PHE A 429 22.50 -10.16 -11.59
N THR A 430 22.76 -9.22 -12.50
CA THR A 430 24.13 -8.92 -12.96
C THR A 430 24.34 -7.44 -12.86
N TRP A 431 25.57 -7.02 -13.08
CA TRP A 431 25.94 -5.63 -13.01
C TRP A 431 26.71 -5.22 -14.29
N ASP A 432 26.43 -4.04 -14.84
CA ASP A 432 27.22 -3.58 -15.99
C ASP A 432 28.67 -3.36 -15.49
N PRO A 433 29.65 -4.04 -16.10
CA PRO A 433 31.04 -3.96 -15.62
C PRO A 433 31.73 -2.60 -15.81
N THR A 434 31.19 -1.67 -16.60
CA THR A 434 31.72 -0.31 -16.72
C THR A 434 31.04 0.62 -15.72
N ARG A 435 29.71 0.58 -15.68
CA ARG A 435 28.87 1.45 -14.85
C ARG A 435 28.90 1.08 -13.37
N PHE A 436 28.84 -0.21 -13.08
CA PHE A 436 28.79 -0.71 -11.70
C PHE A 436 29.81 -1.81 -11.51
N PRO A 437 31.12 -1.48 -11.61
CA PRO A 437 32.16 -2.53 -11.46
C PRO A 437 32.32 -3.04 -10.03
N GLN A 438 31.98 -2.20 -9.03
CA GLN A 438 32.18 -2.54 -7.61
C GLN A 438 30.89 -2.30 -6.82
N PRO A 439 29.81 -3.05 -7.10
CA PRO A 439 28.55 -2.81 -6.39
C PRO A 439 28.67 -2.92 -4.87
N LEU A 440 29.50 -3.81 -4.32
CA LEU A 440 29.64 -3.89 -2.86
C LEU A 440 30.21 -2.63 -2.25
N ASN A 441 31.16 -2.00 -2.93
CA ASN A 441 31.78 -0.75 -2.47
C ASN A 441 30.74 0.37 -2.52
N MET A 442 29.91 0.43 -3.58
CA MET A 442 28.86 1.44 -3.71
C MET A 442 27.84 1.23 -2.54
N LEU A 443 27.46 -0.01 -2.32
CA LEU A 443 26.52 -0.35 -1.22
C LEU A 443 27.14 -0.01 0.15
N GLU A 444 28.45 -0.25 0.34
CA GLU A 444 29.14 0.12 1.59
C GLU A 444 29.08 1.65 1.79
N HIS A 445 29.30 2.43 0.71
CA HIS A 445 29.21 3.89 0.79
CA HIS A 445 29.21 3.90 0.76
C HIS A 445 27.79 4.31 1.19
N LEU A 446 26.76 3.74 0.59
CA LEU A 446 25.39 4.07 1.02
C LEU A 446 25.12 3.64 2.47
N ALA A 447 25.63 2.49 2.86
CA ALA A 447 25.49 2.02 4.23
C ALA A 447 26.15 3.02 5.23
N SER A 448 27.28 3.66 4.83
CA SER A 448 27.96 4.64 5.69
C SER A 448 27.11 5.90 5.88
N LYS A 449 26.18 6.17 4.96
CA LYS A 449 25.21 7.28 5.03
C LYS A 449 23.88 6.79 5.64
N ARG A 450 23.82 5.51 6.03
CA ARG A 450 22.63 4.85 6.56
C ARG A 450 21.47 4.89 5.58
N ARG A 451 21.77 4.60 4.31
CA ARG A 451 20.83 4.54 3.21
C ARG A 451 20.88 3.19 2.57
N LYS A 452 19.86 2.92 1.77
CA LYS A 452 19.67 1.68 1.04
C LYS A 452 19.64 1.95 -0.45
N LEU A 453 19.66 0.85 -1.22
CA LEU A 453 19.53 0.86 -2.67
CA LEU A 453 19.53 0.90 -2.65
C LEU A 453 18.49 -0.16 -3.06
N VAL A 454 17.82 0.08 -4.17
CA VAL A 454 16.86 -0.87 -4.74
C VAL A 454 17.34 -1.17 -6.18
N ALA A 455 17.41 -2.45 -6.53
CA ALA A 455 17.77 -2.92 -7.87
C ALA A 455 16.55 -3.56 -8.53
N ILE A 456 16.32 -3.23 -9.81
CA ILE A 456 15.21 -3.83 -10.57
C ILE A 456 15.61 -5.27 -10.99
N VAL A 457 14.69 -6.19 -10.83
CA VAL A 457 14.79 -7.60 -11.25
C VAL A 457 13.46 -7.97 -11.87
N ASP A 458 13.42 -8.18 -13.21
CA ASP A 458 12.19 -8.52 -13.91
C ASP A 458 12.09 -10.02 -14.14
N PRO A 459 10.86 -10.53 -14.35
CA PRO A 459 10.69 -11.99 -14.60
C PRO A 459 10.83 -12.43 -16.07
N HIS A 460 11.78 -11.89 -16.81
CA HIS A 460 12.07 -12.32 -18.21
C HIS A 460 13.59 -12.45 -18.23
N ILE A 461 14.06 -13.55 -18.82
CA ILE A 461 15.46 -13.97 -18.76
C ILE A 461 16.01 -13.99 -20.15
N LYS A 462 17.11 -13.27 -20.38
CA LYS A 462 17.72 -13.20 -21.71
C LYS A 462 18.09 -14.61 -22.20
N VAL A 463 17.73 -14.92 -23.44
CA VAL A 463 18.14 -16.19 -24.08
C VAL A 463 19.60 -16.01 -24.47
N ASP A 464 20.50 -16.52 -23.65
CA ASP A 464 21.92 -16.37 -23.81
C ASP A 464 22.62 -17.55 -23.16
N SER A 465 23.34 -18.36 -23.94
CA SER A 465 24.00 -19.54 -23.36
C SER A 465 25.11 -19.19 -22.36
N GLY A 466 25.61 -17.96 -22.38
CA GLY A 466 26.64 -17.52 -21.45
C GLY A 466 26.08 -16.98 -20.14
N TYR A 467 24.74 -16.83 -20.07
CA TYR A 467 24.04 -16.30 -18.91
C TYR A 467 23.61 -17.45 -18.04
N ARG A 468 24.22 -17.56 -16.86
CA ARG A 468 23.99 -18.71 -15.95
C ARG A 468 22.52 -18.92 -15.57
N VAL A 469 21.79 -17.84 -15.36
CA VAL A 469 20.38 -17.91 -14.97
C VAL A 469 19.58 -18.61 -16.06
N HIS A 470 19.80 -18.18 -17.32
CA HIS A 470 19.14 -18.80 -18.47
C HIS A 470 19.47 -20.28 -18.58
N GLU A 471 20.75 -20.63 -18.50
CA GLU A 471 21.18 -22.02 -18.64
C GLU A 471 20.56 -22.92 -17.57
N GLU A 472 20.53 -22.47 -16.30
CA GLU A 472 19.92 -23.25 -15.23
C GLU A 472 18.41 -23.42 -15.46
N LEU A 473 17.70 -22.35 -15.80
CA LEU A 473 16.26 -22.44 -16.02
C LEU A 473 15.91 -23.25 -17.27
N ARG A 474 16.72 -23.11 -18.34
CA ARG A 474 16.54 -23.91 -19.55
C ARG A 474 16.80 -25.40 -19.17
N ASN A 475 17.92 -25.68 -18.48
CA ASN A 475 18.31 -27.06 -18.12
C ASN A 475 17.31 -27.76 -17.21
N HIS A 476 16.63 -27.02 -16.32
CA HIS A 476 15.66 -27.58 -15.40
C HIS A 476 14.20 -27.50 -15.91
N GLY A 477 14.00 -27.05 -17.14
CA GLY A 477 12.68 -26.97 -17.76
C GLY A 477 11.70 -26.08 -17.02
N LEU A 478 12.19 -25.01 -16.38
CA LEU A 478 11.35 -24.13 -15.54
C LEU A 478 10.73 -22.94 -16.28
N TYR A 479 10.86 -22.88 -17.62
CA TYR A 479 10.22 -21.82 -18.39
C TYR A 479 8.80 -22.18 -18.76
N VAL A 480 7.99 -21.16 -18.98
CA VAL A 480 6.65 -21.32 -19.51
C VAL A 480 6.84 -21.90 -20.93
N LYS A 481 5.99 -22.82 -21.31
CA LYS A 481 6.10 -23.52 -22.59
C LYS A 481 4.99 -23.12 -23.57
N THR A 482 5.20 -23.39 -24.88
CA THR A 482 4.14 -23.24 -25.89
C THR A 482 3.47 -24.63 -25.94
N ARG A 483 2.36 -24.77 -26.67
CA ARG A 483 1.69 -26.09 -26.81
C ARG A 483 2.54 -27.21 -27.35
N ASP A 484 3.44 -26.89 -28.30
CA ASP A 484 4.34 -27.91 -28.87
C ASP A 484 5.45 -28.38 -27.90
N GLY A 485 5.46 -27.89 -26.65
CA GLY A 485 6.44 -28.31 -25.65
C GLY A 485 7.73 -27.52 -25.58
N SER A 486 7.97 -26.60 -26.52
CA SER A 486 9.20 -25.81 -26.50
C SER A 486 9.06 -24.62 -25.52
N ASP A 487 10.21 -24.10 -25.05
CA ASP A 487 10.25 -22.97 -24.13
C ASP A 487 9.77 -21.74 -24.89
N TYR A 488 8.81 -21.01 -24.32
CA TYR A 488 8.30 -19.81 -24.99
C TYR A 488 9.41 -18.75 -25.01
N GLU A 489 9.60 -18.13 -26.18
CA GLU A 489 10.55 -17.07 -26.37
C GLU A 489 9.82 -15.88 -26.98
N GLY A 490 9.91 -14.74 -26.32
CA GLY A 490 9.33 -13.49 -26.80
C GLY A 490 10.33 -12.37 -26.77
N TRP A 491 9.89 -11.19 -27.13
CA TRP A 491 10.75 -10.03 -27.12
C TRP A 491 10.47 -9.15 -25.92
N CYS A 492 11.54 -8.75 -25.23
CA CYS A 492 11.45 -7.83 -24.10
C CYS A 492 12.77 -7.01 -24.03
N TRP A 493 13.05 -6.36 -22.88
CA TRP A 493 14.26 -5.53 -22.75
C TRP A 493 15.59 -6.19 -23.13
N PRO A 494 15.85 -7.49 -22.86
CA PRO A 494 17.14 -8.06 -23.27
C PRO A 494 17.10 -8.66 -24.68
N GLY A 495 16.07 -8.34 -25.48
CA GLY A 495 15.86 -8.89 -26.81
C GLY A 495 15.08 -10.20 -26.65
N SER A 496 15.57 -11.30 -27.23
CA SER A 496 14.95 -12.61 -27.09
CA SER A 496 14.95 -12.61 -27.10
C SER A 496 15.02 -13.03 -25.61
N ALA A 497 13.89 -13.36 -25.02
CA ALA A 497 13.81 -13.70 -23.59
C ALA A 497 12.78 -14.76 -23.32
N SER A 498 13.02 -15.59 -22.28
CA SER A 498 12.05 -16.60 -21.86
C SER A 498 11.49 -16.19 -20.50
N TYR A 499 10.34 -16.78 -20.16
CA TYR A 499 9.54 -16.43 -19.00
C TYR A 499 9.49 -17.56 -18.03
N PRO A 500 10.10 -17.40 -16.85
CA PRO A 500 10.03 -18.48 -15.86
C PRO A 500 8.59 -18.75 -15.44
N ASP A 501 8.30 -20.01 -15.21
CA ASP A 501 6.95 -20.36 -14.80
C ASP A 501 6.81 -20.15 -13.28
N PHE A 502 6.47 -18.92 -12.87
CA PHE A 502 6.31 -18.62 -11.44
C PHE A 502 5.11 -19.33 -10.77
N THR A 503 4.21 -19.96 -11.54
CA THR A 503 3.12 -20.76 -10.96
C THR A 503 3.69 -22.08 -10.42
N ASN A 504 4.88 -22.50 -10.87
CA ASN A 504 5.51 -23.75 -10.41
C ASN A 504 6.17 -23.48 -9.05
N PRO A 505 5.82 -24.21 -7.95
CA PRO A 505 6.50 -23.95 -6.65
C PRO A 505 8.02 -24.13 -6.66
N ARG A 506 8.56 -25.02 -7.49
CA ARG A 506 10.03 -25.26 -7.57
C ARG A 506 10.70 -24.06 -8.21
N MET A 507 10.02 -23.41 -9.20
CA MET A 507 10.55 -22.20 -9.83
CA MET A 507 10.55 -22.23 -9.84
C MET A 507 10.62 -21.09 -8.81
N ARG A 508 9.58 -20.91 -7.99
CA ARG A 508 9.60 -19.88 -6.95
C ARG A 508 10.70 -20.17 -5.93
N ALA A 509 10.93 -21.45 -5.58
CA ALA A 509 12.00 -21.82 -4.64
C ALA A 509 13.38 -21.46 -5.23
N TRP A 510 13.56 -21.77 -6.52
CA TRP A 510 14.78 -21.46 -7.25
C TRP A 510 15.02 -19.95 -7.25
N TRP A 511 13.98 -19.19 -7.58
CA TRP A 511 14.04 -17.71 -7.62
C TRP A 511 14.44 -17.14 -6.25
N SER A 512 13.77 -17.60 -5.19
CA SER A 512 14.08 -17.15 -3.82
CA SER A 512 14.07 -17.18 -3.82
C SER A 512 15.55 -17.43 -3.47
N ASN A 513 16.06 -18.60 -3.84
CA ASN A 513 17.45 -18.94 -3.55
C ASN A 513 18.45 -18.13 -4.37
N MET A 514 18.04 -17.60 -5.55
CA MET A 514 18.88 -16.73 -6.37
C MET A 514 19.23 -15.42 -5.66
N PHE A 515 18.43 -15.00 -4.65
CA PHE A 515 18.71 -13.79 -3.82
C PHE A 515 19.71 -14.03 -2.67
N SER A 516 20.19 -15.28 -2.48
CA SER A 516 21.23 -15.53 -1.47
C SER A 516 22.43 -14.66 -1.85
N PHE A 517 23.19 -14.19 -0.85
CA PHE A 517 24.35 -13.35 -1.09
C PHE A 517 25.45 -14.03 -1.91
N ASP A 518 25.49 -15.37 -1.88
CA ASP A 518 26.43 -16.19 -2.66
C ASP A 518 26.02 -16.28 -4.11
N ASN A 519 24.70 -16.28 -4.43
CA ASN A 519 24.22 -16.39 -5.81
C ASN A 519 24.14 -15.05 -6.49
N TYR A 520 23.50 -14.07 -5.83
CA TYR A 520 23.39 -12.72 -6.38
C TYR A 520 24.64 -11.94 -5.96
N GLU A 521 25.71 -12.12 -6.74
CA GLU A 521 26.99 -11.47 -6.48
C GLU A 521 26.88 -9.95 -6.59
N GLY A 522 27.44 -9.26 -5.61
CA GLY A 522 27.42 -7.81 -5.57
C GLY A 522 26.29 -7.28 -4.71
N SER A 523 25.35 -8.16 -4.27
CA SER A 523 24.27 -7.74 -3.39
C SER A 523 24.70 -7.78 -1.89
N ALA A 524 23.99 -7.00 -1.08
CA ALA A 524 24.25 -6.88 0.35
C ALA A 524 22.93 -6.60 1.10
N PRO A 525 22.94 -6.66 2.44
CA PRO A 525 21.68 -6.48 3.21
C PRO A 525 20.98 -5.12 3.00
N ASN A 526 21.68 -4.09 2.50
CA ASN A 526 21.01 -2.81 2.22
C ASN A 526 20.57 -2.69 0.73
N LEU A 527 20.53 -3.82 -0.02
CA LEU A 527 20.05 -3.85 -1.39
CA LEU A 527 20.05 -3.85 -1.38
C LEU A 527 18.67 -4.50 -1.35
N TYR A 528 17.63 -3.78 -1.80
CA TYR A 528 16.25 -4.30 -1.88
C TYR A 528 15.82 -4.39 -3.36
N VAL A 529 14.58 -4.82 -3.66
CA VAL A 529 14.26 -5.23 -5.01
C VAL A 529 12.96 -4.66 -5.55
N TRP A 530 12.95 -4.46 -6.86
CA TRP A 530 11.84 -3.95 -7.62
C TRP A 530 11.51 -4.94 -8.74
N ASN A 531 10.28 -5.50 -8.73
CA ASN A 531 9.78 -6.39 -9.76
C ASN A 531 8.89 -5.58 -10.71
N ASP A 532 9.35 -5.42 -11.94
CA ASP A 532 8.63 -4.68 -12.97
C ASP A 532 8.28 -5.66 -14.10
N MET A 533 7.40 -5.25 -15.03
CA MET A 533 7.05 -6.04 -16.22
C MET A 533 6.49 -7.44 -15.86
N ASN A 534 5.92 -7.60 -14.64
CA ASN A 534 5.48 -8.94 -14.18
C ASN A 534 4.00 -9.24 -14.45
N GLU A 535 3.41 -8.62 -15.50
CA GLU A 535 2.04 -8.90 -15.92
C GLU A 535 1.83 -10.35 -16.45
N PRO A 536 2.74 -10.99 -17.23
CA PRO A 536 4.02 -10.50 -17.77
C PRO A 536 3.90 -9.67 -19.04
N SER A 537 4.79 -8.70 -19.19
CA SER A 537 4.88 -7.87 -20.38
C SER A 537 5.77 -8.62 -21.41
N VAL A 538 5.24 -8.77 -22.62
CA VAL A 538 5.84 -9.47 -23.78
C VAL A 538 5.61 -8.53 -24.97
N PHE A 539 6.67 -7.91 -25.53
CA PHE A 539 6.49 -6.91 -26.59
C PHE A 539 5.80 -7.37 -27.83
N ASN A 540 6.06 -8.60 -28.25
CA ASN A 540 5.44 -9.13 -29.46
C ASN A 540 4.25 -10.07 -29.16
N GLY A 541 3.77 -10.11 -27.90
CA GLY A 541 2.61 -10.92 -27.55
C GLY A 541 1.29 -10.16 -27.75
N PRO A 542 0.15 -10.88 -27.76
CA PRO A 542 -1.14 -10.21 -27.91
C PRO A 542 -1.41 -9.31 -26.70
N GLU A 543 -1.74 -8.04 -26.94
CA GLU A 543 -1.97 -7.06 -25.90
C GLU A 543 -0.75 -6.86 -25.05
N VAL A 544 0.44 -7.05 -25.65
CA VAL A 544 1.73 -6.90 -25.01
C VAL A 544 1.87 -7.92 -23.85
N THR A 545 1.19 -9.09 -23.91
CA THR A 545 1.33 -10.08 -22.84
C THR A 545 1.50 -11.48 -23.44
N MET A 546 1.52 -12.47 -22.57
CA MET A 546 1.73 -13.87 -22.96
CA MET A 546 1.73 -13.87 -22.97
C MET A 546 0.56 -14.42 -23.74
N LEU A 547 0.84 -15.34 -24.68
CA LEU A 547 -0.17 -16.05 -25.47
C LEU A 547 -1.11 -16.79 -24.51
N LYS A 548 -2.41 -16.76 -24.82
CA LYS A 548 -3.43 -17.38 -24.00
C LYS A 548 -3.22 -18.88 -23.86
N ASP A 549 -2.68 -19.50 -24.92
CA ASP A 549 -2.51 -20.96 -24.98
C ASP A 549 -1.10 -21.44 -24.60
N ALA A 550 -0.25 -20.56 -24.00
CA ALA A 550 1.00 -21.00 -23.40
C ALA A 550 0.61 -21.95 -22.21
N VAL A 551 1.54 -22.85 -21.84
CA VAL A 551 1.31 -23.90 -20.85
C VAL A 551 2.19 -23.74 -19.63
N HIS A 552 1.55 -23.88 -18.45
CA HIS A 552 2.14 -23.73 -17.15
C HIS A 552 2.07 -25.04 -16.37
N TYR A 553 2.70 -25.01 -15.20
CA TYR A 553 2.74 -26.10 -14.23
C TYR A 553 1.37 -26.79 -14.08
N GLY A 554 1.39 -28.12 -14.11
CA GLY A 554 0.15 -28.89 -13.99
C GLY A 554 -0.65 -28.98 -15.27
N GLY A 555 -0.15 -28.36 -16.35
CA GLY A 555 -0.84 -28.35 -17.64
C GLY A 555 -1.89 -27.26 -17.81
N TRP A 556 -1.99 -26.33 -16.87
CA TRP A 556 -2.92 -25.22 -17.00
C TRP A 556 -2.47 -24.26 -18.10
N GLU A 557 -3.44 -23.65 -18.76
CA GLU A 557 -3.13 -22.67 -19.79
C GLU A 557 -2.84 -21.29 -19.15
N HIS A 558 -2.12 -20.45 -19.87
CA HIS A 558 -1.89 -19.08 -19.42
C HIS A 558 -3.21 -18.37 -19.12
N ARG A 559 -4.26 -18.62 -19.94
CA ARG A 559 -5.58 -18.00 -19.70
C ARG A 559 -6.14 -18.31 -18.29
N ASP A 560 -5.81 -19.49 -17.74
CA ASP A 560 -6.32 -19.93 -16.45
C ASP A 560 -5.70 -19.19 -15.29
N ILE A 561 -4.42 -18.82 -15.44
CA ILE A 561 -3.62 -18.25 -14.35
C ILE A 561 -3.18 -16.80 -14.47
N HIS A 562 -3.40 -16.15 -15.59
CA HIS A 562 -2.85 -14.84 -15.91
C HIS A 562 -2.71 -13.88 -14.72
N ASN A 563 -3.83 -13.57 -14.06
CA ASN A 563 -3.83 -12.53 -13.04
C ASN A 563 -3.06 -12.87 -11.75
N ILE A 564 -2.57 -14.11 -11.53
CA ILE A 564 -1.70 -14.39 -10.37
C ILE A 564 -0.21 -14.52 -10.75
N TYR A 565 0.15 -14.46 -12.03
CA TYR A 565 1.55 -14.56 -12.43
C TYR A 565 2.42 -13.50 -11.72
N GLY A 566 2.00 -12.24 -11.75
CA GLY A 566 2.72 -11.15 -11.09
C GLY A 566 2.85 -11.32 -9.58
N LEU A 567 1.76 -11.73 -8.93
CA LEU A 567 1.71 -12.00 -7.49
C LEU A 567 2.76 -13.06 -7.11
N TYR A 568 2.90 -14.12 -7.93
CA TYR A 568 3.89 -15.15 -7.66
C TYR A 568 5.29 -14.60 -7.78
N VAL A 569 5.54 -13.69 -8.72
CA VAL A 569 6.87 -13.06 -8.88
C VAL A 569 7.20 -12.28 -7.59
N HIS A 570 6.23 -11.50 -7.14
CA HIS A 570 6.30 -10.65 -5.93
C HIS A 570 6.55 -11.52 -4.69
N MET A 571 5.77 -12.59 -4.53
CA MET A 571 5.91 -13.55 -3.44
C MET A 571 7.30 -14.17 -3.40
N ALA A 572 7.75 -14.71 -4.54
CA ALA A 572 9.05 -15.39 -4.57
C ALA A 572 10.23 -14.41 -4.29
N THR A 573 10.15 -13.15 -4.76
CA THR A 573 11.19 -12.15 -4.50
C THR A 573 11.20 -11.78 -3.01
N ALA A 574 10.00 -11.51 -2.41
CA ALA A 574 9.90 -11.20 -0.98
C ALA A 574 10.50 -12.37 -0.16
N ASP A 575 10.15 -13.61 -0.51
CA ASP A 575 10.71 -14.77 0.18
CA ASP A 575 10.72 -14.77 0.17
C ASP A 575 12.25 -14.82 0.05
N GLY A 576 12.78 -14.51 -1.13
CA GLY A 576 14.22 -14.47 -1.37
C GLY A 576 14.94 -13.53 -0.43
N LEU A 577 14.38 -12.33 -0.19
CA LEU A 577 14.95 -11.33 0.69
C LEU A 577 14.87 -11.78 2.17
N ILE A 578 13.82 -12.51 2.53
CA ILE A 578 13.68 -13.05 3.88
C ILE A 578 14.75 -14.15 4.07
N GLN A 579 14.80 -15.11 3.14
CA GLN A 579 15.71 -16.25 3.19
C GLN A 579 17.18 -15.93 3.17
N ARG A 580 17.63 -14.96 2.36
CA ARG A 580 19.06 -14.60 2.28
C ARG A 580 19.60 -14.13 3.65
N SER A 581 18.72 -13.62 4.52
CA SER A 581 19.06 -13.07 5.83
C SER A 581 18.93 -14.13 6.96
N GLY A 582 18.58 -15.36 6.62
CA GLY A 582 18.32 -16.41 7.60
C GLY A 582 16.97 -16.27 8.28
N GLY A 583 16.02 -15.61 7.61
CA GLY A 583 14.67 -15.42 8.12
C GLY A 583 14.50 -14.27 9.09
N ILE A 584 15.52 -13.40 9.22
CA ILE A 584 15.48 -12.31 10.20
C ILE A 584 14.96 -11.00 9.64
N GLU A 585 15.41 -10.60 8.44
CA GLU A 585 15.11 -9.30 7.86
C GLU A 585 13.78 -9.27 7.13
N ARG A 586 13.00 -8.19 7.34
CA ARG A 586 11.76 -7.98 6.61
C ARG A 586 12.13 -7.57 5.19
N PRO A 587 11.38 -8.07 4.23
CA PRO A 587 11.66 -7.71 2.84
C PRO A 587 11.15 -6.31 2.50
N PHE A 588 11.60 -5.82 1.36
CA PHE A 588 11.01 -4.65 0.70
C PHE A 588 11.04 -4.98 -0.78
N VAL A 589 9.86 -5.13 -1.36
CA VAL A 589 9.73 -5.40 -2.78
C VAL A 589 8.57 -4.57 -3.32
N LEU A 590 8.84 -3.81 -4.38
CA LEU A 590 7.85 -3.08 -5.14
C LEU A 590 7.48 -3.93 -6.36
N SER A 591 6.19 -4.08 -6.62
CA SER A 591 5.68 -4.85 -7.77
C SER A 591 4.72 -4.03 -8.63
N ARG A 592 4.78 -4.19 -9.96
CA ARG A 592 3.85 -3.50 -10.83
C ARG A 592 2.52 -4.25 -10.93
N ALA A 593 2.56 -5.56 -11.20
CA ALA A 593 1.37 -6.37 -11.33
C ALA A 593 1.01 -6.98 -9.96
N PHE A 594 -0.29 -7.29 -9.77
CA PHE A 594 -0.80 -7.76 -8.48
C PHE A 594 -2.17 -8.38 -8.60
N PHE A 595 -2.57 -9.05 -7.52
CA PHE A 595 -3.85 -9.71 -7.36
C PHE A 595 -4.25 -9.65 -5.91
N SER A 596 -5.43 -10.19 -5.58
CA SER A 596 -5.84 -10.40 -4.19
C SER A 596 -4.71 -11.16 -3.49
N GLY A 597 -4.32 -10.70 -2.30
CA GLY A 597 -3.23 -11.30 -1.54
C GLY A 597 -1.88 -10.65 -1.73
N SER A 598 -1.70 -9.79 -2.77
CA SER A 598 -0.41 -9.10 -3.00
C SER A 598 0.00 -8.22 -1.85
N GLN A 599 -0.95 -7.75 -1.03
CA GLN A 599 -0.63 -6.95 0.18
C GLN A 599 0.36 -7.66 1.12
N ARG A 600 0.39 -9.02 1.08
CA ARG A 600 1.26 -9.83 1.93
C ARG A 600 2.75 -9.74 1.55
N PHE A 601 3.08 -9.18 0.36
CA PHE A 601 4.44 -9.20 -0.18
C PHE A 601 5.15 -7.86 -0.35
N GLY A 602 4.51 -6.73 -0.04
CA GLY A 602 5.17 -5.44 -0.14
C GLY A 602 4.31 -4.33 -0.70
N ALA A 603 4.94 -3.52 -1.56
CA ALA A 603 4.34 -2.33 -2.16
C ALA A 603 3.97 -2.54 -3.64
N VAL A 604 3.07 -1.69 -4.11
CA VAL A 604 2.69 -1.59 -5.54
C VAL A 604 2.68 -0.09 -5.85
N TRP A 605 2.77 0.23 -7.11
CA TRP A 605 2.65 1.60 -7.63
C TRP A 605 1.78 1.60 -8.92
N THR A 606 1.25 2.77 -9.31
CA THR A 606 0.32 2.89 -10.45
C THR A 606 0.99 2.96 -11.85
N GLY A 607 2.20 2.46 -12.00
CA GLY A 607 2.85 2.34 -13.29
C GLY A 607 3.22 3.64 -13.96
N ASP A 608 3.19 3.62 -15.28
CA ASP A 608 3.68 4.73 -16.09
C ASP A 608 2.65 5.82 -16.27
N ASN A 609 2.58 6.68 -15.26
CA ASN A 609 1.69 7.84 -15.29
C ASN A 609 2.43 8.93 -16.09
N THR A 610 1.85 10.12 -16.18
CA THR A 610 2.39 11.24 -16.96
C THR A 610 2.47 12.50 -16.13
N ALA A 611 3.47 13.34 -16.44
CA ALA A 611 3.75 14.61 -15.79
C ALA A 611 2.71 15.68 -16.15
N GLU A 612 1.49 15.45 -15.71
CA GLU A 612 0.34 16.34 -15.95
C GLU A 612 -0.49 16.45 -14.68
N TRP A 613 -1.17 17.59 -14.52
CA TRP A 613 -2.00 17.88 -13.36
C TRP A 613 -3.11 16.84 -13.11
N ASP A 614 -3.78 16.35 -14.17
CA ASP A 614 -4.84 15.36 -13.98
CA ASP A 614 -4.84 15.35 -14.07
C ASP A 614 -4.30 14.01 -13.52
N HIS A 615 -3.05 13.66 -13.86
CA HIS A 615 -2.41 12.41 -13.36
C HIS A 615 -2.04 12.62 -11.87
N LEU A 616 -1.66 13.86 -11.46
CA LEU A 616 -1.44 14.13 -10.02
C LEU A 616 -2.75 13.92 -9.27
N LYS A 617 -3.87 14.42 -9.83
CA LYS A 617 -5.18 14.28 -9.16
C LYS A 617 -5.60 12.82 -9.08
N ILE A 618 -5.34 12.02 -10.13
CA ILE A 618 -5.88 10.65 -10.16
C ILE A 618 -5.14 9.71 -9.21
N SER A 619 -3.96 10.11 -8.71
CA SER A 619 -3.21 9.31 -7.73
C SER A 619 -4.09 9.04 -6.47
N ILE A 620 -4.96 10.01 -6.05
CA ILE A 620 -5.81 9.78 -4.88
C ILE A 620 -6.83 8.65 -5.13
N PRO A 621 -7.77 8.75 -6.09
CA PRO A 621 -8.73 7.64 -6.30
C PRO A 621 -8.08 6.32 -6.63
N MET A 622 -6.97 6.32 -7.38
CA MET A 622 -6.26 5.05 -7.65
C MET A 622 -5.72 4.38 -6.37
N CYS A 623 -4.99 5.08 -5.51
CA CYS A 623 -4.52 4.47 -4.27
C CYS A 623 -5.63 4.20 -3.26
N LEU A 624 -6.70 4.98 -3.25
CA LEU A 624 -7.86 4.70 -2.40
C LEU A 624 -8.57 3.43 -2.85
N SER A 625 -8.68 3.19 -4.18
CA SER A 625 -9.32 1.99 -4.69
C SER A 625 -8.51 0.76 -4.23
N LEU A 626 -7.18 0.90 -4.20
CA LEU A 626 -6.28 -0.14 -3.72
C LEU A 626 -6.34 -0.33 -2.22
N ALA A 627 -6.44 0.75 -1.45
CA ALA A 627 -6.53 0.66 0.01
C ALA A 627 -7.77 -0.10 0.44
N LEU A 628 -8.91 0.18 -0.20
CA LEU A 628 -10.17 -0.47 0.13
C LEU A 628 -10.11 -1.99 -0.01
N VAL A 629 -9.30 -2.50 -0.96
CA VAL A 629 -9.19 -3.94 -1.22
C VAL A 629 -7.88 -4.56 -0.65
N GLY A 630 -7.31 -3.94 0.38
CA GLY A 630 -6.21 -4.46 1.18
C GLY A 630 -4.80 -4.06 0.80
N LEU A 631 -4.61 -3.36 -0.32
CA LEU A 631 -3.28 -2.97 -0.79
C LEU A 631 -2.97 -1.58 -0.27
N SER A 632 -2.57 -1.51 1.02
CA SER A 632 -2.30 -0.24 1.70
C SER A 632 -1.03 0.47 1.25
N PHE A 633 -0.08 -0.28 0.71
CA PHE A 633 1.23 0.28 0.38
C PHE A 633 1.33 0.62 -1.11
N CYS A 634 0.65 1.70 -1.49
CA CYS A 634 0.42 2.20 -2.85
C CYS A 634 1.01 3.59 -3.01
N GLY A 635 1.39 3.90 -4.23
CA GLY A 635 1.86 5.22 -4.59
C GLY A 635 1.87 5.40 -6.09
N ALA A 636 2.14 6.62 -6.52
CA ALA A 636 2.30 6.99 -7.94
C ALA A 636 3.64 7.77 -8.08
N ASP A 637 4.28 7.67 -9.26
CA ASP A 637 5.58 8.31 -9.49
C ASP A 637 5.50 9.80 -9.30
N VAL A 638 6.31 10.31 -8.40
CA VAL A 638 6.30 11.71 -8.04
C VAL A 638 6.99 12.49 -9.17
N GLY A 639 6.23 13.39 -9.77
CA GLY A 639 6.61 14.19 -10.92
C GLY A 639 6.03 13.67 -12.23
N GLY A 640 5.49 12.44 -12.20
CA GLY A 640 4.99 11.76 -13.39
C GLY A 640 6.13 11.01 -14.07
N PHE A 641 5.84 9.84 -14.62
CA PHE A 641 6.87 9.04 -15.27
C PHE A 641 7.22 9.66 -16.65
N PHE A 642 6.23 9.84 -17.50
CA PHE A 642 6.46 10.40 -18.85
C PHE A 642 6.47 11.91 -18.81
N LYS A 643 7.34 12.51 -19.64
CA LYS A 643 7.43 13.96 -19.88
C LYS A 643 8.07 14.72 -18.71
N ASN A 644 8.21 16.05 -18.88
CA ASN A 644 8.90 16.91 -17.96
C ASN A 644 7.90 17.78 -17.24
N PRO A 645 7.75 17.61 -15.91
CA PRO A 645 6.81 18.46 -15.18
C PRO A 645 7.35 19.88 -15.02
N GLU A 646 6.49 20.89 -15.12
CA GLU A 646 6.94 22.25 -14.79
C GLU A 646 7.27 22.27 -13.26
N PRO A 647 8.17 23.16 -12.80
CA PRO A 647 8.56 23.14 -11.37
C PRO A 647 7.40 23.19 -10.38
N GLU A 648 6.36 23.99 -10.66
CA GLU A 648 5.19 24.06 -9.77
C GLU A 648 4.51 22.68 -9.64
N LEU A 649 4.36 21.98 -10.76
CA LEU A 649 3.72 20.67 -10.73
C LEU A 649 4.60 19.70 -9.92
N LEU A 650 5.93 19.75 -10.08
CA LEU A 650 6.83 18.89 -9.35
C LEU A 650 6.73 19.15 -7.85
N VAL A 651 6.64 20.43 -7.42
CA VAL A 651 6.47 20.77 -6.01
C VAL A 651 5.16 20.16 -5.47
N ARG A 652 4.04 20.41 -6.16
CA ARG A 652 2.73 19.90 -5.75
C ARG A 652 2.70 18.37 -5.70
N TRP A 653 3.45 17.72 -6.59
CA TRP A 653 3.55 16.27 -6.59
C TRP A 653 4.35 15.78 -5.37
N TYR A 654 5.42 16.47 -5.00
CA TYR A 654 6.15 16.12 -3.78
C TYR A 654 5.22 16.21 -2.54
N GLN A 655 4.34 17.23 -2.52
CA GLN A 655 3.44 17.45 -1.40
C GLN A 655 2.40 16.37 -1.33
N MET A 656 1.86 15.97 -2.49
CA MET A 656 0.90 14.88 -2.59
C MET A 656 1.57 13.54 -2.16
N GLY A 657 2.73 13.27 -2.76
CA GLY A 657 3.46 12.02 -2.51
C GLY A 657 3.88 11.89 -1.07
N ALA A 658 4.23 13.04 -0.43
CA ALA A 658 4.67 13.07 0.97
C ALA A 658 3.56 12.59 1.94
N TYR A 659 2.29 12.64 1.52
CA TYR A 659 1.13 12.16 2.29
C TYR A 659 0.49 10.89 1.69
N GLN A 660 1.24 10.16 0.85
CA GLN A 660 0.76 8.89 0.27
C GLN A 660 1.68 7.74 0.73
N PRO A 661 1.17 6.49 0.81
CA PRO A 661 1.97 5.42 1.43
C PRO A 661 3.36 5.11 0.84
N PHE A 662 3.45 4.87 -0.48
CA PHE A 662 4.71 4.65 -1.17
C PHE A 662 5.13 5.95 -1.84
N PHE A 663 6.25 6.52 -1.40
CA PHE A 663 6.71 7.85 -1.78
C PHE A 663 8.03 7.83 -2.56
N ARG A 664 7.91 7.75 -3.88
CA ARG A 664 9.02 7.67 -4.83
C ARG A 664 8.88 8.65 -6.00
N ALA A 665 9.96 9.40 -6.24
CA ALA A 665 10.16 10.27 -7.41
C ALA A 665 10.75 9.34 -8.45
N HIS A 666 10.19 9.31 -9.64
CA HIS A 666 10.67 8.46 -10.73
C HIS A 666 10.37 9.14 -12.07
N ALA A 667 11.15 8.79 -13.11
CA ALA A 667 11.07 9.48 -14.38
C ALA A 667 11.55 8.57 -15.52
N HIS A 668 10.96 8.75 -16.69
CA HIS A 668 11.30 8.00 -17.91
C HIS A 668 12.70 8.39 -18.46
N LEU A 669 13.27 7.50 -19.27
CA LEU A 669 14.60 7.62 -19.88
C LEU A 669 14.84 8.95 -20.62
N ASP A 670 13.82 9.48 -21.32
CA ASP A 670 13.95 10.69 -22.15
C ASP A 670 13.77 12.02 -21.39
N THR A 671 13.48 11.99 -20.09
CA THR A 671 13.18 13.18 -19.30
C THR A 671 14.44 13.89 -18.86
N GLY A 672 14.31 15.17 -18.62
CA GLY A 672 15.39 15.94 -18.00
C GLY A 672 15.56 15.50 -16.55
N ARG A 673 16.75 15.71 -15.99
CA ARG A 673 17.02 15.36 -14.58
C ARG A 673 16.14 16.21 -13.67
N ARG A 674 15.59 15.61 -12.63
CA ARG A 674 14.73 16.38 -11.71
C ARG A 674 15.00 16.04 -10.24
N GLU A 675 16.28 15.79 -9.88
CA GLU A 675 16.65 15.66 -8.47
C GLU A 675 16.27 17.00 -7.83
N PRO A 676 15.70 17.02 -6.62
CA PRO A 676 15.02 18.23 -6.16
C PRO A 676 15.87 19.49 -6.00
N TRP A 677 17.18 19.34 -5.77
CA TRP A 677 18.09 20.48 -5.69
C TRP A 677 18.45 21.09 -7.06
N LEU A 678 17.88 20.61 -8.19
CA LEU A 678 18.20 21.21 -9.51
C LEU A 678 17.29 22.38 -9.81
N LEU A 679 16.24 22.58 -9.01
CA LEU A 679 15.27 23.65 -9.20
C LEU A 679 15.69 24.91 -8.50
N ALA A 680 15.03 26.01 -8.85
CA ALA A 680 15.27 27.31 -8.18
C ALA A 680 14.95 27.19 -6.67
N SER A 681 15.70 27.95 -5.85
CA SER A 681 15.61 27.95 -4.38
C SER A 681 14.20 27.91 -3.79
N GLN A 682 13.20 28.64 -4.36
CA GLN A 682 11.81 28.69 -3.84
C GLN A 682 11.16 27.28 -3.90
N TYR A 683 11.42 26.57 -5.01
CA TYR A 683 10.90 25.23 -5.24
C TYR A 683 11.63 24.23 -4.35
N GLN A 684 12.97 24.36 -4.22
CA GLN A 684 13.75 23.48 -3.34
C GLN A 684 13.21 23.56 -1.90
N ASP A 685 12.95 24.79 -1.44
CA ASP A 685 12.47 25.03 -0.07
C ASP A 685 11.11 24.40 0.17
N ALA A 686 10.17 24.51 -0.77
CA ALA A 686 8.86 23.88 -0.63
C ALA A 686 9.00 22.34 -0.63
N ILE A 687 9.87 21.78 -1.51
CA ILE A 687 10.12 20.33 -1.54
C ILE A 687 10.74 19.88 -0.24
N ARG A 688 11.74 20.61 0.30
CA ARG A 688 12.39 20.25 1.56
C ARG A 688 11.34 20.21 2.68
N ASP A 689 10.45 21.21 2.71
CA ASP A 689 9.38 21.29 3.70
C ASP A 689 8.49 20.04 3.64
N ALA A 690 8.10 19.61 2.43
CA ALA A 690 7.28 18.43 2.25
C ALA A 690 8.01 17.15 2.77
N LEU A 691 9.31 17.02 2.43
CA LEU A 691 10.16 15.91 2.89
C LEU A 691 10.26 15.94 4.42
N PHE A 692 10.46 17.12 5.02
CA PHE A 692 10.55 17.25 6.49
C PHE A 692 9.24 16.81 7.15
N GLN A 693 8.11 17.19 6.56
CA GLN A 693 6.78 16.80 7.08
C GLN A 693 6.64 15.28 7.12
N ARG A 694 6.98 14.64 6.02
CA ARG A 694 6.91 13.19 5.91
C ARG A 694 7.81 12.50 6.93
N TYR A 695 9.07 12.94 7.02
CA TYR A 695 10.03 12.30 7.90
C TYR A 695 9.58 12.44 9.35
N SER A 696 9.10 13.61 9.72
CA SER A 696 8.62 13.80 11.08
CA SER A 696 8.65 13.79 11.09
C SER A 696 7.42 12.93 11.44
N LEU A 697 6.59 12.60 10.44
CA LEU A 697 5.44 11.74 10.64
C LEU A 697 5.78 10.27 10.56
N LEU A 698 7.05 9.86 10.37
CA LEU A 698 7.34 8.43 10.27
C LEU A 698 6.76 7.57 11.45
N PRO A 699 6.77 7.98 12.74
CA PRO A 699 6.16 7.12 13.80
C PRO A 699 4.65 6.91 13.58
N PHE A 700 3.98 7.92 13.01
CA PHE A 700 2.55 7.86 12.72
C PHE A 700 2.30 6.89 11.54
N TRP A 701 3.05 7.05 10.45
CA TRP A 701 2.96 6.14 9.30
C TRP A 701 3.20 4.70 9.73
N TYR A 702 4.22 4.49 10.55
CA TYR A 702 4.61 3.15 11.02
C TYR A 702 3.51 2.49 11.85
N THR A 703 2.90 3.28 12.73
CA THR A 703 1.77 2.85 13.54
C THR A 703 0.57 2.51 12.66
N LEU A 704 0.26 3.33 11.64
CA LEU A 704 -0.87 3.00 10.77
C LEU A 704 -0.63 1.69 10.05
N PHE A 705 0.61 1.47 9.60
CA PHE A 705 1.01 0.24 8.92
C PHE A 705 0.94 -0.98 9.86
N TYR A 706 1.28 -0.79 11.14
CA TYR A 706 1.16 -1.86 12.11
C TYR A 706 -0.32 -2.20 12.29
N GLN A 707 -1.17 -1.18 12.34
CA GLN A 707 -2.62 -1.42 12.42
C GLN A 707 -3.14 -2.15 11.18
N ALA A 708 -2.63 -1.80 9.98
CA ALA A 708 -2.99 -2.51 8.76
C ALA A 708 -2.51 -3.97 8.84
N HIS A 709 -1.30 -4.17 9.37
CA HIS A 709 -0.70 -5.50 9.48
C HIS A 709 -1.49 -6.39 10.45
N LYS A 710 -1.92 -5.82 11.57
CA LYS A 710 -2.66 -6.59 12.59
C LYS A 710 -4.16 -6.75 12.29
N GLU A 711 -4.84 -5.71 11.76
CA GLU A 711 -6.30 -5.71 11.57
C GLU A 711 -6.83 -5.79 10.14
N GLY A 712 -6.00 -5.44 9.16
CA GLY A 712 -6.44 -5.38 7.77
C GLY A 712 -7.10 -4.06 7.41
N PHE A 713 -6.93 -3.03 8.26
CA PHE A 713 -7.54 -1.72 8.03
C PHE A 713 -6.66 -0.87 7.11
N PRO A 714 -7.27 -0.17 6.16
CA PRO A 714 -6.48 0.64 5.21
C PRO A 714 -5.73 1.78 5.89
N VAL A 715 -4.53 2.10 5.38
CA VAL A 715 -3.73 3.21 5.91
C VAL A 715 -4.34 4.51 5.39
N MET A 716 -4.42 4.62 4.08
CA MET A 716 -5.00 5.75 3.38
C MET A 716 -6.49 5.45 3.20
N ARG A 717 -7.35 6.37 3.61
CA ARG A 717 -8.79 6.12 3.62
C ARG A 717 -9.65 7.18 2.95
N PRO A 718 -10.70 6.74 2.26
CA PRO A 718 -11.73 7.70 1.79
C PRO A 718 -12.45 8.31 3.01
N LEU A 719 -12.90 9.55 2.91
CA LEU A 719 -13.60 10.19 4.04
C LEU A 719 -14.85 9.35 4.48
N TRP A 720 -15.55 8.66 3.52
CA TRP A 720 -16.75 7.87 3.86
C TRP A 720 -16.47 6.71 4.78
N VAL A 721 -15.22 6.20 4.80
CA VAL A 721 -14.84 5.14 5.74
C VAL A 721 -14.93 5.65 7.19
N GLN A 722 -14.54 6.90 7.43
CA GLN A 722 -14.57 7.53 8.76
CA GLN A 722 -14.57 7.53 8.77
C GLN A 722 -15.93 8.20 9.05
N TYR A 723 -16.68 8.62 8.00
CA TYR A 723 -17.99 9.28 8.12
C TYR A 723 -19.00 8.51 7.26
N PRO A 724 -19.34 7.28 7.67
CA PRO A 724 -20.23 6.42 6.86
C PRO A 724 -21.65 6.92 6.67
N GLU A 725 -22.15 7.75 7.59
CA GLU A 725 -23.52 8.28 7.49
C GLU A 725 -23.54 9.64 6.80
N ASP A 726 -22.38 10.23 6.47
CA ASP A 726 -22.32 11.52 5.77
C ASP A 726 -22.31 11.27 4.27
N MET A 727 -23.52 11.31 3.66
CA MET A 727 -23.71 11.06 2.23
C MET A 727 -22.93 12.02 1.32
N SER A 728 -22.59 13.23 1.79
CA SER A 728 -21.82 14.16 0.97
C SER A 728 -20.34 13.71 0.76
N THR A 729 -19.86 12.73 1.54
CA THR A 729 -18.49 12.22 1.44
C THR A 729 -18.34 11.01 0.47
N PHE A 730 -19.44 10.40 0.04
CA PHE A 730 -19.39 9.10 -0.64
C PHE A 730 -18.60 9.08 -1.95
N SER A 731 -18.48 10.20 -2.67
CA SER A 731 -17.72 10.26 -3.92
C SER A 731 -16.45 11.10 -3.80
N ILE A 732 -16.11 11.63 -2.61
CA ILE A 732 -14.95 12.52 -2.45
C ILE A 732 -13.65 11.80 -2.82
N GLU A 733 -12.87 12.41 -3.71
CA GLU A 733 -11.58 11.88 -4.14
C GLU A 733 -10.48 12.96 -4.37
N ASP A 734 -10.68 14.20 -3.89
CA ASP A 734 -9.69 15.29 -3.94
C ASP A 734 -9.16 15.53 -2.51
N GLN A 735 -9.54 14.63 -1.59
CA GLN A 735 -9.20 14.69 -0.19
C GLN A 735 -9.15 13.25 0.34
N PHE A 736 -8.41 13.00 1.42
CA PHE A 736 -8.37 11.66 2.02
C PHE A 736 -7.90 11.75 3.45
N MET A 737 -8.09 10.67 4.18
CA MET A 737 -7.63 10.58 5.55
C MET A 737 -6.53 9.56 5.72
N LEU A 738 -5.65 9.83 6.68
CA LEU A 738 -4.64 8.89 7.12
C LEU A 738 -5.09 8.43 8.51
N GLY A 739 -5.43 7.15 8.62
CA GLY A 739 -6.04 6.61 9.83
C GLY A 739 -7.31 7.39 10.16
N ASP A 740 -7.52 7.70 11.46
CA ASP A 740 -8.66 8.52 11.94
C ASP A 740 -8.20 9.95 12.31
N ALA A 741 -6.90 10.27 12.11
CA ALA A 741 -6.31 11.48 12.69
C ALA A 741 -6.00 12.61 11.75
N LEU A 742 -5.58 12.35 10.51
CA LEU A 742 -5.22 13.46 9.62
C LEU A 742 -6.10 13.47 8.39
N LEU A 743 -6.51 14.66 8.00
CA LEU A 743 -7.30 14.87 6.77
C LEU A 743 -6.42 15.70 5.88
N ILE A 744 -6.18 15.22 4.68
CA ILE A 744 -5.27 15.83 3.70
C ILE A 744 -6.02 16.29 2.44
N HIS A 745 -5.79 17.55 2.00
CA HIS A 745 -6.35 18.08 0.74
C HIS A 745 -5.21 18.70 -0.05
N PRO A 746 -4.35 17.88 -0.68
CA PRO A 746 -3.23 18.46 -1.42
C PRO A 746 -3.66 19.40 -2.54
N VAL A 747 -2.89 20.44 -2.76
CA VAL A 747 -3.17 21.39 -3.84
C VAL A 747 -2.87 20.65 -5.15
N SER A 748 -3.80 20.68 -6.11
CA SER A 748 -3.64 19.92 -7.37
C SER A 748 -4.08 20.68 -8.63
N ASP A 749 -3.92 22.01 -8.64
CA ASP A 749 -4.17 22.85 -9.81
C ASP A 749 -3.07 23.87 -9.90
N ALA A 750 -2.58 24.14 -11.13
CA ALA A 750 -1.56 25.17 -11.35
C ALA A 750 -2.17 26.54 -10.99
N GLY A 751 -1.42 27.38 -10.30
CA GLY A 751 -1.84 28.74 -9.95
C GLY A 751 -2.91 28.86 -8.89
N ALA A 752 -3.16 27.79 -8.10
CA ALA A 752 -4.21 27.84 -7.08
C ALA A 752 -3.74 28.77 -5.94
N HIS A 753 -4.61 29.66 -5.47
CA HIS A 753 -4.32 30.50 -4.32
C HIS A 753 -5.16 30.10 -3.11
N GLY A 754 -6.05 29.13 -3.31
CA GLY A 754 -6.79 28.56 -2.20
C GLY A 754 -7.34 27.19 -2.56
N VAL A 755 -7.84 26.46 -1.55
CA VAL A 755 -8.50 25.14 -1.74
C VAL A 755 -9.81 25.10 -0.95
N GLN A 756 -10.79 24.36 -1.49
CA GLN A 756 -12.04 24.11 -0.82
C GLN A 756 -11.86 22.79 -0.08
N VAL A 757 -11.84 22.86 1.26
CA VAL A 757 -11.66 21.66 2.08
C VAL A 757 -12.97 21.29 2.76
N TYR A 758 -13.43 20.06 2.63
CA TYR A 758 -14.61 19.65 3.35
C TYR A 758 -14.12 18.98 4.66
N LEU A 759 -14.49 19.58 5.79
CA LEU A 759 -14.17 19.10 7.13
C LEU A 759 -15.46 18.52 7.67
N PRO A 760 -15.60 17.19 7.67
CA PRO A 760 -16.84 16.58 8.17
C PRO A 760 -16.92 16.44 9.69
N GLY A 761 -18.09 15.97 10.13
CA GLY A 761 -18.30 15.58 11.52
C GLY A 761 -19.09 16.57 12.36
N GLN A 762 -20.33 16.20 12.71
CA GLN A 762 -21.18 17.00 13.61
C GLN A 762 -20.49 16.92 14.97
N GLU A 763 -20.35 18.00 15.70
CA GLU A 763 -19.62 17.94 17.00
C GLU A 763 -18.11 17.51 16.91
N GLU A 764 -17.48 17.65 15.73
CA GLU A 764 -16.08 17.34 15.49
C GLU A 764 -15.35 18.65 15.32
N VAL A 765 -14.06 18.72 15.72
CA VAL A 765 -13.21 19.87 15.47
C VAL A 765 -11.96 19.40 14.75
N TRP A 766 -11.38 20.31 13.98
CA TRP A 766 -10.20 20.07 13.15
C TRP A 766 -9.20 21.18 13.37
N TYR A 767 -7.93 20.81 13.50
CA TYR A 767 -6.86 21.80 13.68
C TYR A 767 -5.97 21.87 12.46
N ASP A 768 -5.87 23.04 11.83
CA ASP A 768 -4.90 23.28 10.76
C ASP A 768 -3.51 23.06 11.42
N ILE A 769 -2.75 22.06 10.97
CA ILE A 769 -1.48 21.71 11.64
C ILE A 769 -0.39 22.77 11.52
N GLN A 770 -0.50 23.72 10.61
CA GLN A 770 0.52 24.78 10.52
C GLN A 770 0.21 25.97 11.40
N SER A 771 -1.02 26.46 11.30
CA SER A 771 -1.48 27.65 12.02
C SER A 771 -2.07 27.36 13.41
N TYR A 772 -2.47 26.11 13.67
CA TYR A 772 -3.19 25.68 14.88
C TYR A 772 -4.62 26.24 14.94
N GLN A 773 -5.11 26.86 13.84
CA GLN A 773 -6.47 27.42 13.81
C GLN A 773 -7.46 26.26 13.91
N LYS A 774 -8.47 26.38 14.78
CA LYS A 774 -9.48 25.34 14.96
C LYS A 774 -10.68 25.61 14.05
N HIS A 775 -11.27 24.55 13.48
CA HIS A 775 -12.45 24.64 12.63
C HIS A 775 -13.45 23.57 13.06
N HIS A 776 -14.73 23.94 13.23
CA HIS A 776 -15.77 22.99 13.62
C HIS A 776 -16.37 22.35 12.35
N GLY A 777 -16.63 21.07 12.41
CA GLY A 777 -17.30 20.37 11.33
C GLY A 777 -18.80 20.46 11.55
N PRO A 778 -19.65 20.12 10.58
CA PRO A 778 -19.32 19.82 9.18
C PRO A 778 -19.29 21.15 8.43
N GLN A 779 -18.25 21.42 7.66
CA GLN A 779 -18.19 22.64 6.88
C GLN A 779 -17.27 22.49 5.70
N THR A 780 -17.50 23.33 4.67
CA THR A 780 -16.62 23.48 3.52
C THR A 780 -15.96 24.82 3.77
N LEU A 781 -14.64 24.81 3.91
CA LEU A 781 -13.81 25.97 4.22
C LEU A 781 -12.98 26.31 2.98
N TYR A 782 -12.83 27.60 2.64
CA TYR A 782 -11.93 27.99 1.56
C TYR A 782 -10.67 28.47 2.23
N LEU A 783 -9.59 27.72 2.07
CA LEU A 783 -8.35 28.00 2.77
C LEU A 783 -7.33 28.60 1.83
N PRO A 784 -6.66 29.72 2.19
CA PRO A 784 -5.62 30.27 1.32
C PRO A 784 -4.36 29.38 1.30
N VAL A 785 -3.66 29.33 0.18
CA VAL A 785 -2.42 28.55 0.02
C VAL A 785 -1.39 29.33 -0.74
N THR A 786 -0.13 28.99 -0.47
CA THR A 786 1.05 29.41 -1.19
C THR A 786 1.69 28.13 -1.74
N LEU A 787 2.82 28.30 -2.43
CA LEU A 787 3.58 27.21 -3.00
C LEU A 787 4.00 26.14 -1.96
N SER A 788 4.30 26.56 -0.73
CA SER A 788 4.78 25.68 0.33
C SER A 788 3.67 25.06 1.13
N SER A 789 2.38 25.41 0.87
CA SER A 789 1.25 24.90 1.63
C SER A 789 0.91 23.47 1.29
N ILE A 790 0.61 22.66 2.33
CA ILE A 790 0.07 21.32 2.22
C ILE A 790 -1.14 21.35 3.19
N PRO A 791 -2.37 21.51 2.67
CA PRO A 791 -3.53 21.59 3.57
C PRO A 791 -3.74 20.26 4.36
N VAL A 792 -3.34 20.28 5.64
CA VAL A 792 -3.43 19.10 6.51
C VAL A 792 -4.12 19.50 7.80
N PHE A 793 -5.09 18.70 8.23
CA PHE A 793 -5.83 18.96 9.45
C PHE A 793 -5.79 17.77 10.38
N GLN A 794 -5.56 18.03 11.68
CA GLN A 794 -5.58 16.98 12.68
C GLN A 794 -6.94 17.00 13.33
N ARG A 795 -7.56 15.85 13.43
CA ARG A 795 -8.89 15.71 14.02
C ARG A 795 -8.80 15.81 15.54
N GLY A 796 -9.72 16.58 16.13
CA GLY A 796 -9.90 16.63 17.58
C GLY A 796 -10.21 15.24 18.06
N GLY A 797 -9.62 14.85 19.18
CA GLY A 797 -9.77 13.50 19.72
C GLY A 797 -8.62 12.56 19.40
N THR A 798 -7.56 13.05 18.74
CA THR A 798 -6.43 12.21 18.34
C THR A 798 -5.11 12.70 18.88
N ILE A 799 -4.18 11.78 18.95
CA ILE A 799 -2.81 12.04 19.39
C ILE A 799 -1.89 11.46 18.32
N VAL A 800 -1.08 12.32 17.70
CA VAL A 800 -0.17 11.94 16.59
C VAL A 800 1.26 12.01 17.06
N PRO A 801 2.03 10.92 16.98
CA PRO A 801 3.46 10.95 17.40
C PRO A 801 4.37 11.38 16.24
N ARG A 802 5.36 12.22 16.53
CA ARG A 802 6.31 12.70 15.52
C ARG A 802 7.74 12.63 16.00
N TRP A 803 8.69 12.50 15.03
CA TRP A 803 10.12 12.66 15.28
C TRP A 803 10.42 14.06 14.77
N MET A 804 10.53 15.07 15.65
CA MET A 804 10.77 16.45 15.21
C MET A 804 12.21 16.74 14.77
N ARG A 805 13.16 15.85 15.06
CA ARG A 805 14.55 15.99 14.69
C ARG A 805 14.74 15.30 13.33
N VAL A 806 14.47 16.01 12.23
CA VAL A 806 14.59 15.43 10.89
C VAL A 806 16.08 15.30 10.54
N ARG A 807 16.51 14.09 10.28
CA ARG A 807 17.89 13.80 9.92
C ARG A 807 17.92 13.30 8.46
N ARG A 808 19.04 12.79 7.96
CA ARG A 808 19.20 12.49 6.52
C ARG A 808 18.46 11.24 6.00
N SER A 809 18.14 10.30 6.89
CA SER A 809 17.42 9.07 6.58
C SER A 809 16.73 8.57 7.84
N SER A 810 15.78 7.65 7.66
CA SER A 810 15.03 7.11 8.79
C SER A 810 15.90 6.29 9.75
N ASP A 811 16.93 5.55 9.25
CA ASP A 811 17.81 4.81 10.18
C ASP A 811 18.44 5.75 11.20
N CYS A 812 18.76 6.99 10.78
CA CYS A 812 19.36 8.00 11.64
C CYS A 812 18.42 8.44 12.77
N MET A 813 17.10 8.39 12.51
CA MET A 813 16.04 8.91 13.41
C MET A 813 15.37 7.87 14.26
N LYS A 814 15.58 6.57 13.96
CA LYS A 814 14.72 5.54 14.52
C LYS A 814 14.94 5.22 16.02
N ASP A 815 15.92 5.85 16.68
CA ASP A 815 16.20 5.75 18.12
C ASP A 815 15.98 7.11 18.79
N ASP A 816 15.42 8.09 18.10
CA ASP A 816 15.27 9.46 18.61
C ASP A 816 14.02 9.72 19.44
N PRO A 817 14.02 10.82 20.21
CA PRO A 817 12.83 11.14 21.01
C PRO A 817 11.61 11.58 20.20
N ILE A 818 10.45 11.31 20.78
CA ILE A 818 9.14 11.56 20.21
C ILE A 818 8.51 12.83 20.79
N THR A 819 7.80 13.57 19.93
CA THR A 819 6.94 14.68 20.31
C THR A 819 5.48 14.21 20.06
N LEU A 820 4.63 14.34 21.08
CA LEU A 820 3.22 13.97 20.96
C LEU A 820 2.37 15.21 20.66
N PHE A 821 1.57 15.16 19.59
CA PHE A 821 0.66 16.24 19.18
C PHE A 821 -0.76 15.82 19.57
N VAL A 822 -1.26 16.43 20.62
CA VAL A 822 -2.55 16.11 21.22
C VAL A 822 -3.57 17.15 20.73
N ALA A 823 -4.50 16.72 19.90
CA ALA A 823 -5.56 17.58 19.39
C ALA A 823 -6.84 17.28 20.22
N LEU A 824 -7.25 18.19 21.08
CA LEU A 824 -8.40 17.96 21.96
C LEU A 824 -9.73 18.08 21.24
N SER A 825 -10.58 17.10 21.48
CA SER A 825 -11.96 17.13 21.00
C SER A 825 -12.74 18.22 21.77
N PRO A 826 -13.99 18.56 21.36
CA PRO A 826 -14.78 19.55 22.15
C PRO A 826 -15.08 19.10 23.59
N GLN A 827 -15.03 17.78 23.85
CA GLN A 827 -15.19 17.20 25.19
C GLN A 827 -13.85 17.21 25.98
N GLY A 828 -12.78 17.76 25.41
CA GLY A 828 -11.49 17.82 26.07
C GLY A 828 -10.80 16.47 26.17
N THR A 829 -11.00 15.58 25.17
CA THR A 829 -10.37 14.25 25.14
C THR A 829 -9.56 14.00 23.89
N ALA A 830 -8.71 12.98 23.97
CA ALA A 830 -7.94 12.49 22.83
C ALA A 830 -7.30 11.17 23.08
N GLN A 831 -7.05 10.41 22.02
CA GLN A 831 -6.30 9.17 22.11
C GLN A 831 -5.51 8.92 20.85
N GLY A 832 -4.49 8.13 20.98
CA GLY A 832 -3.68 7.69 19.85
C GLY A 832 -2.72 6.60 20.27
N GLU A 833 -2.27 5.81 19.31
CA GLU A 833 -1.33 4.73 19.52
C GLU A 833 0.02 4.98 18.87
N LEU A 834 1.02 4.19 19.30
CA LEU A 834 2.37 4.28 18.75
C LEU A 834 2.98 2.91 18.75
N PHE A 835 3.41 2.43 17.57
CA PHE A 835 4.13 1.16 17.41
C PHE A 835 5.60 1.49 17.19
N LEU A 836 6.50 0.77 17.91
CA LEU A 836 7.95 0.90 17.75
C LEU A 836 8.60 -0.48 17.83
N ASP A 837 9.63 -0.68 17.05
CA ASP A 837 10.46 -1.89 17.08
C ASP A 837 11.83 -1.50 16.55
N ASP A 838 12.68 -2.45 16.20
CA ASP A 838 14.00 -2.15 15.68
C ASP A 838 13.99 -1.51 14.26
N GLY A 839 12.84 -1.43 13.58
CA GLY A 839 12.71 -0.81 12.28
C GLY A 839 12.86 -1.73 11.09
N HIS A 840 13.28 -3.02 11.27
CA HIS A 840 13.54 -3.82 10.08
C HIS A 840 13.50 -5.35 10.20
N THR A 841 13.45 -5.96 11.41
CA THR A 841 13.46 -7.45 11.51
C THR A 841 12.07 -8.02 11.81
N PHE A 842 11.98 -9.37 11.89
CA PHE A 842 10.77 -10.04 12.34
C PHE A 842 10.79 -10.24 13.88
N ASN A 843 11.70 -9.56 14.62
CA ASN A 843 11.80 -9.73 16.09
C ASN A 843 10.53 -9.35 16.82
N TYR A 844 9.77 -8.39 16.26
CA TYR A 844 8.47 -8.03 16.83
C TYR A 844 7.57 -9.28 16.93
N GLN A 845 7.63 -10.21 15.96
CA GLN A 845 6.78 -11.38 15.94
C GLN A 845 7.45 -12.61 16.52
N THR A 846 8.74 -12.85 16.24
CA THR A 846 9.42 -14.06 16.74
C THR A 846 9.83 -13.93 18.22
N ARG A 847 10.12 -12.72 18.68
CA ARG A 847 10.57 -12.47 20.05
C ARG A 847 9.69 -11.50 20.81
N HIS A 848 8.59 -11.00 20.19
CA HIS A 848 7.71 -10.00 20.81
C HIS A 848 8.53 -8.79 21.26
N GLU A 849 9.55 -8.44 20.45
CA GLU A 849 10.36 -7.27 20.70
C GLU A 849 9.80 -6.05 19.97
N PHE A 850 8.90 -5.39 20.64
CA PHE A 850 8.28 -4.17 20.14
C PHE A 850 7.58 -3.48 21.28
N LEU A 851 7.08 -2.26 21.02
CA LEU A 851 6.21 -1.56 21.96
C LEU A 851 4.96 -1.13 21.20
N LEU A 852 3.81 -1.26 21.84
CA LEU A 852 2.57 -0.70 21.35
C LEU A 852 2.01 0.10 22.52
N ARG A 853 2.10 1.42 22.44
CA ARG A 853 1.64 2.33 23.49
C ARG A 853 0.32 2.98 23.12
N ARG A 854 -0.49 3.26 24.13
CA ARG A 854 -1.72 4.03 23.99
C ARG A 854 -1.53 5.29 24.79
N PHE A 855 -1.71 6.44 24.14
CA PHE A 855 -1.72 7.72 24.79
C PHE A 855 -3.16 8.14 24.86
N SER A 856 -3.57 8.66 26.01
CA SER A 856 -4.94 9.07 26.19
C SER A 856 -5.04 10.25 27.09
N PHE A 857 -5.90 11.19 26.70
CA PHE A 857 -6.13 12.43 27.39
C PHE A 857 -7.61 12.54 27.71
N SER A 858 -7.91 12.89 28.97
CA SER A 858 -9.26 13.23 29.44
C SER A 858 -9.15 14.04 30.72
N GLY A 859 -10.09 14.96 30.93
CA GLY A 859 -10.11 15.83 32.10
C GLY A 859 -8.91 16.78 32.07
N SER A 860 -7.90 16.50 32.88
CA SER A 860 -6.69 17.33 32.84
C SER A 860 -5.43 16.46 32.86
N THR A 861 -5.53 15.20 32.41
CA THR A 861 -4.45 14.24 32.48
C THR A 861 -4.17 13.52 31.18
N LEU A 862 -2.91 13.50 30.79
CA LEU A 862 -2.41 12.74 29.65
C LEU A 862 -1.76 11.48 30.23
N VAL A 863 -2.11 10.31 29.71
CA VAL A 863 -1.59 9.03 30.18
C VAL A 863 -0.97 8.19 29.08
N SER A 864 0.17 7.51 29.39
CA SER A 864 0.76 6.51 28.53
C SER A 864 0.60 5.17 29.25
N SER A 865 -0.01 4.20 28.56
CA SER A 865 -0.24 2.85 29.04
C SER A 865 0.10 1.88 27.91
N SER A 866 0.23 0.61 28.22
CA SER A 866 0.53 -0.39 27.21
C SER A 866 -0.74 -0.78 26.49
N ALA A 867 -0.72 -0.79 25.14
CA ALA A 867 -1.84 -1.28 24.33
C ALA A 867 -1.66 -2.74 24.03
N ASP A 868 -0.46 -3.30 24.27
CA ASP A 868 -0.17 -4.72 24.13
C ASP A 868 0.95 -5.10 25.10
N PRO A 869 0.61 -5.63 26.30
CA PRO A 869 1.66 -5.98 27.28
C PRO A 869 2.63 -7.09 26.85
N LYS A 870 2.33 -7.84 25.77
CA LYS A 870 3.26 -8.87 25.27
C LYS A 870 4.54 -8.25 24.73
N GLY A 871 4.44 -7.02 24.22
CA GLY A 871 5.58 -6.32 23.63
C GLY A 871 6.50 -5.58 24.58
N HIS A 872 7.78 -5.95 24.58
CA HIS A 872 8.79 -5.25 25.35
C HIS A 872 9.93 -4.92 24.39
N LEU A 873 10.60 -3.81 24.60
CA LEU A 873 11.71 -3.38 23.74
C LEU A 873 12.69 -2.55 24.53
N GLU A 874 13.99 -2.88 24.44
CA GLU A 874 15.06 -2.09 25.03
C GLU A 874 15.30 -0.95 24.02
N THR A 875 15.08 0.30 24.40
CA THR A 875 15.22 1.43 23.48
C THR A 875 15.61 2.67 24.23
N PRO A 876 16.38 3.58 23.60
CA PRO A 876 16.66 4.87 24.24
C PRO A 876 15.57 5.91 23.95
N ILE A 877 14.52 5.56 23.15
CA ILE A 877 13.49 6.53 22.76
C ILE A 877 12.78 7.08 24.03
N TRP A 878 12.67 8.40 24.09
CA TRP A 878 12.04 9.12 25.20
C TRP A 878 11.07 10.19 24.69
N ILE A 879 10.20 10.70 25.55
CA ILE A 879 9.21 11.70 25.18
C ILE A 879 9.85 13.04 25.45
N GLU A 880 10.22 13.79 24.39
CA GLU A 880 10.88 15.09 24.59
C GLU A 880 9.92 16.25 24.64
N ARG A 881 8.68 16.05 24.19
CA ARG A 881 7.78 17.19 24.14
C ARG A 881 6.35 16.75 23.96
N VAL A 882 5.41 17.57 24.45
CA VAL A 882 3.97 17.38 24.19
C VAL A 882 3.43 18.70 23.72
N VAL A 883 2.74 18.71 22.58
CA VAL A 883 2.10 19.91 22.05
C VAL A 883 0.60 19.64 22.19
N ILE A 884 -0.10 20.46 22.96
CA ILE A 884 -1.54 20.28 23.18
C ILE A 884 -2.31 21.42 22.52
N MET A 885 -3.16 21.06 21.56
CA MET A 885 -3.99 22.00 20.81
C MET A 885 -5.41 21.98 21.40
N GLY A 886 -5.92 23.16 21.74
CA GLY A 886 -7.24 23.35 22.32
C GLY A 886 -7.24 23.38 23.85
N ALA A 887 -6.10 23.72 24.46
CA ALA A 887 -5.96 23.71 25.91
C ALA A 887 -5.75 25.12 26.46
N GLY A 888 -6.24 25.32 27.67
CA GLY A 888 -6.06 26.57 28.41
C GLY A 888 -4.72 26.55 29.10
N LYS A 889 -4.36 27.66 29.74
CA LYS A 889 -3.09 27.76 30.43
C LYS A 889 -3.21 27.15 31.82
N PRO A 890 -2.40 26.12 32.14
CA PRO A 890 -2.44 25.57 33.49
C PRO A 890 -1.61 26.45 34.44
N ALA A 891 -1.72 26.21 35.75
CA ALA A 891 -0.87 26.85 36.77
C ALA A 891 0.38 25.96 36.97
N ALA A 892 0.22 24.64 36.87
CA ALA A 892 1.35 23.72 37.04
C ALA A 892 1.18 22.47 36.19
N VAL A 893 2.31 21.83 35.90
CA VAL A 893 2.34 20.62 35.08
C VAL A 893 3.19 19.60 35.83
N VAL A 894 2.57 18.48 36.19
CA VAL A 894 3.17 17.43 36.98
C VAL A 894 3.26 16.13 36.20
N LEU A 895 4.46 15.53 36.21
CA LEU A 895 4.73 14.23 35.59
C LEU A 895 4.97 13.18 36.68
N GLN A 896 4.26 12.05 36.59
CA GLN A 896 4.42 10.90 37.46
C GLN A 896 4.78 9.67 36.63
N THR A 897 5.79 8.95 37.04
CA THR A 897 6.20 7.71 36.39
C THR A 897 6.84 6.83 37.46
N LYS A 898 6.54 5.52 37.44
CA LYS A 898 7.07 4.57 38.43
C LYS A 898 8.60 4.55 38.36
N GLY A 899 9.26 4.62 39.50
CA GLY A 899 10.72 4.62 39.57
C GLY A 899 11.37 6.00 39.62
N SER A 900 10.58 7.07 39.57
CA SER A 900 11.11 8.42 39.63
C SER A 900 10.33 9.26 40.61
N PRO A 901 10.93 10.33 41.16
CA PRO A 901 10.15 11.25 41.97
C PRO A 901 9.23 12.03 41.03
N GLU A 902 8.18 12.60 41.60
CA GLU A 902 7.27 13.47 40.86
C GLU A 902 8.07 14.65 40.26
N SER A 903 7.75 15.02 39.01
CA SER A 903 8.47 16.07 38.30
C SER A 903 7.53 17.21 37.94
N ARG A 904 8.06 18.43 37.99
CA ARG A 904 7.36 19.65 37.55
C ARG A 904 7.97 20.04 36.21
N LEU A 905 7.12 20.18 35.18
CA LEU A 905 7.56 20.58 33.84
C LEU A 905 7.27 22.02 33.59
N SER A 906 8.17 22.69 32.88
CA SER A 906 7.93 24.06 32.46
C SER A 906 7.06 23.98 31.21
N PHE A 907 6.42 25.09 30.86
CA PHE A 907 5.53 25.12 29.70
C PHE A 907 5.43 26.49 29.11
N GLN A 908 4.95 26.52 27.86
CA GLN A 908 4.71 27.73 27.10
C GLN A 908 3.29 27.62 26.55
N HIS A 909 2.55 28.72 26.58
CA HIS A 909 1.17 28.72 26.13
C HIS A 909 0.86 29.93 25.25
N ASP A 910 0.19 29.69 24.10
CA ASP A 910 -0.19 30.73 23.17
C ASP A 910 -1.70 30.96 23.38
N PRO A 911 -2.09 32.09 23.98
CA PRO A 911 -3.52 32.33 24.24
C PRO A 911 -4.38 32.52 22.99
N GLU A 912 -3.77 33.00 21.91
CA GLU A 912 -4.47 33.24 20.64
C GLU A 912 -4.90 31.90 20.00
N THR A 913 -4.01 30.89 20.00
CA THR A 913 -4.31 29.57 19.43
C THR A 913 -4.69 28.52 20.45
N SER A 914 -4.55 28.78 21.75
CA SER A 914 -4.82 27.78 22.79
C SER A 914 -3.91 26.56 22.54
N VAL A 915 -2.62 26.83 22.36
CA VAL A 915 -1.59 25.80 22.14
C VAL A 915 -0.70 25.80 23.35
N LEU A 916 -0.57 24.64 23.99
CA LEU A 916 0.25 24.45 25.17
C LEU A 916 1.42 23.53 24.82
N ILE A 917 2.65 23.95 25.10
CA ILE A 917 3.85 23.16 24.87
C ILE A 917 4.41 22.73 26.22
N LEU A 918 4.54 21.44 26.44
CA LEU A 918 5.10 20.87 27.65
C LEU A 918 6.54 20.51 27.37
N ARG A 919 7.43 21.18 28.09
CA ARG A 919 8.87 21.02 27.92
C ARG A 919 9.43 19.73 28.49
N LYS A 920 10.16 18.98 27.65
CA LYS A 920 11.02 17.89 28.07
C LYS A 920 10.51 16.95 29.21
N PRO A 921 9.43 16.18 28.99
CA PRO A 921 9.01 15.19 30.02
C PRO A 921 10.16 14.26 30.44
N GLY A 922 10.96 13.82 29.46
CA GLY A 922 12.19 13.07 29.74
C GLY A 922 11.99 11.60 30.03
N VAL A 923 10.76 11.13 29.91
CA VAL A 923 10.39 9.76 30.23
C VAL A 923 10.60 8.80 29.06
N SER A 924 10.98 7.57 29.38
CA SER A 924 11.15 6.51 28.40
C SER A 924 9.80 6.22 27.74
N VAL A 925 9.77 6.02 26.41
CA VAL A 925 8.54 5.62 25.70
C VAL A 925 8.04 4.21 26.14
N ALA A 926 8.91 3.38 26.73
CA ALA A 926 8.57 2.04 27.23
C ALA A 926 7.85 2.06 28.58
N SER A 927 7.83 3.23 29.27
CA SER A 927 7.23 3.36 30.58
C SER A 927 5.81 3.90 30.61
N ASP A 928 5.05 3.46 31.61
CA ASP A 928 3.77 4.04 31.94
C ASP A 928 4.06 5.38 32.62
N TRP A 929 3.28 6.40 32.32
CA TRP A 929 3.44 7.72 32.96
C TRP A 929 2.17 8.51 32.83
N SER A 930 2.06 9.57 33.61
CA SER A 930 0.91 10.46 33.53
C SER A 930 1.38 11.92 33.67
N ILE A 931 0.74 12.83 32.95
CA ILE A 931 1.06 14.25 33.03
C ILE A 931 -0.25 14.91 33.42
N HIS A 932 -0.25 15.58 34.57
CA HIS A 932 -1.44 16.24 35.10
CA HIS A 932 -1.43 16.25 35.13
C HIS A 932 -1.29 17.75 34.94
N LEU A 933 -2.31 18.41 34.35
CA LEU A 933 -2.33 19.85 34.18
C LEU A 933 -3.14 20.42 35.38
N ARG A 934 -2.49 21.20 36.25
CA ARG A 934 -3.14 21.75 37.46
C ARG A 934 -3.59 23.17 37.25
N PHE B 1 26.71 36.24 51.37
CA PHE B 1 27.58 35.17 51.88
C PHE B 1 28.20 34.39 50.71
N TYR B 2 27.36 33.76 49.86
CA TYR B 2 27.81 33.01 48.67
C TYR B 2 27.18 33.66 47.42
N GLU B 3 28.00 34.11 46.46
CA GLU B 3 27.51 34.72 45.23
C GLU B 3 27.19 33.65 44.17
N GLU B 4 25.96 33.67 43.61
CA GLU B 4 25.51 32.71 42.59
C GLU B 4 26.02 33.07 41.18
N SER B 5 26.21 32.06 40.33
CA SER B 5 26.59 32.26 38.92
C SER B 5 25.38 32.75 38.14
N LYS B 6 25.59 33.59 37.11
CA LYS B 6 24.49 34.13 36.31
C LYS B 6 23.96 33.07 35.32
N PRO B 7 22.65 33.11 34.96
CA PRO B 7 22.12 32.11 34.03
C PRO B 7 22.60 32.31 32.59
N PHE B 8 22.29 31.35 31.69
CA PHE B 8 22.64 31.47 30.27
C PHE B 8 21.58 32.29 29.61
N THR B 9 21.97 33.19 28.71
CA THR B 9 21.03 33.97 27.90
C THR B 9 21.29 33.58 26.47
N CYS B 10 20.24 33.22 25.70
CA CYS B 10 20.37 32.85 24.28
C CYS B 10 21.06 33.97 23.52
N LEU B 11 21.82 33.64 22.47
CA LEU B 11 22.50 34.67 21.67
C LEU B 11 21.51 35.60 20.93
N ASP B 12 20.25 35.16 20.73
CA ASP B 12 19.20 35.98 20.10
C ASP B 12 18.28 36.68 21.13
N GLY B 13 18.58 36.55 22.43
CA GLY B 13 17.80 37.15 23.51
C GLY B 13 16.41 36.59 23.75
N THR B 14 16.03 35.47 23.09
CA THR B 14 14.68 34.92 23.22
C THR B 14 14.40 34.29 24.59
N ALA B 15 15.44 33.93 25.36
CA ALA B 15 15.22 33.35 26.69
C ALA B 15 16.48 33.40 27.56
N THR B 16 16.26 33.28 28.86
CA THR B 16 17.33 33.18 29.86
C THR B 16 17.03 31.87 30.54
N ILE B 17 18.02 30.99 30.56
CA ILE B 17 17.83 29.66 31.09
C ILE B 17 18.94 29.28 32.04
N PRO B 18 18.67 28.37 32.97
CA PRO B 18 19.75 27.86 33.82
C PRO B 18 20.79 27.15 32.94
N PHE B 19 22.04 27.07 33.41
CA PHE B 19 23.08 26.43 32.61
C PHE B 19 22.87 24.90 32.50
N ASP B 20 21.96 24.31 33.30
CA ASP B 20 21.60 22.89 33.15
C ASP B 20 20.61 22.65 31.96
N GLN B 21 20.22 23.73 31.25
CA GLN B 21 19.42 23.66 30.02
C GLN B 21 20.38 23.93 28.80
N VAL B 22 21.71 24.00 29.03
CA VAL B 22 22.70 24.17 27.95
C VAL B 22 23.21 22.76 27.66
N ASN B 23 23.13 22.33 26.38
CA ASN B 23 23.49 20.97 25.98
C ASN B 23 22.75 19.91 26.81
N ASP B 24 21.47 20.19 27.14
CA ASP B 24 20.63 19.26 27.91
C ASP B 24 19.73 18.42 26.96
N ASP B 25 20.00 18.46 25.64
CA ASP B 25 19.28 17.68 24.65
C ASP B 25 17.80 18.04 24.51
N TYR B 26 17.47 19.32 24.66
CA TYR B 26 16.16 19.90 24.45
C TYR B 26 16.43 21.31 23.94
N CYS B 27 15.76 21.73 22.90
CA CYS B 27 15.97 23.04 22.31
C CYS B 27 15.20 24.16 23.00
N ASP B 28 15.92 25.08 23.64
CA ASP B 28 15.38 26.21 24.38
C ASP B 28 15.56 27.57 23.71
N CYS B 29 16.48 27.69 22.76
CA CYS B 29 16.74 28.96 22.07
C CYS B 29 16.31 28.84 20.62
N LYS B 30 15.60 29.86 20.06
CA LYS B 30 15.16 29.83 18.65
C LYS B 30 16.33 29.80 17.68
N ASP B 31 17.50 30.32 18.09
CA ASP B 31 18.73 30.31 17.26
C ASP B 31 19.59 29.02 17.45
N GLY B 32 19.19 28.14 18.35
CA GLY B 32 19.91 26.89 18.62
C GLY B 32 21.16 27.02 19.48
N SER B 33 21.41 28.24 20.01
CA SER B 33 22.64 28.56 20.78
C SER B 33 22.79 27.82 22.11
N ASP B 34 21.70 27.27 22.69
CA ASP B 34 21.83 26.49 23.94
C ASP B 34 22.28 25.04 23.65
N GLU B 35 22.21 24.57 22.40
CA GLU B 35 22.54 23.18 22.05
C GLU B 35 23.62 23.00 20.95
N PRO B 36 24.81 23.61 21.10
CA PRO B 36 25.87 23.41 20.09
C PRO B 36 26.43 22.00 20.04
N GLY B 37 26.33 21.27 21.16
CA GLY B 37 26.87 19.92 21.28
C GLY B 37 25.90 18.78 21.07
N THR B 38 24.65 19.03 20.71
CA THR B 38 23.66 17.99 20.57
C THR B 38 22.87 18.12 19.25
N ALA B 39 21.95 17.17 19.03
CA ALA B 39 21.04 17.15 17.87
C ALA B 39 19.66 17.77 18.23
N ALA B 40 19.53 18.50 19.35
CA ALA B 40 18.18 18.93 19.79
C ALA B 40 17.56 20.08 19.04
N CYS B 41 18.36 21.00 18.45
CA CYS B 41 17.78 22.16 17.74
C CYS B 41 17.81 21.94 16.22
N PRO B 42 16.75 22.34 15.49
CA PRO B 42 16.75 22.14 14.03
C PRO B 42 17.70 23.06 13.27
N ASN B 43 18.11 24.20 13.86
CA ASN B 43 18.98 25.17 13.20
C ASN B 43 20.31 25.39 13.94
N GLY B 44 20.71 24.45 14.77
CA GLY B 44 21.97 24.57 15.49
C GLY B 44 23.11 24.15 14.59
N SER B 45 24.32 24.28 15.09
CA SER B 45 25.50 23.87 14.36
C SER B 45 26.50 23.29 15.36
N PHE B 46 27.22 22.26 14.94
CA PHE B 46 28.20 21.57 15.73
C PHE B 46 29.53 21.87 15.10
N HIS B 47 30.49 22.25 15.93
CA HIS B 47 31.84 22.60 15.50
C HIS B 47 32.79 21.40 15.51
N CYS B 48 33.35 21.04 14.35
CA CYS B 48 34.35 19.99 14.22
C CYS B 48 35.64 20.71 14.52
N THR B 49 36.23 20.47 15.70
CA THR B 49 37.47 21.13 16.09
C THR B 49 38.60 20.73 15.13
N ASN B 50 38.64 19.44 14.69
CA ASN B 50 39.61 18.90 13.74
C ASN B 50 41.04 19.34 14.11
N THR B 51 41.44 19.07 15.37
CA THR B 51 42.74 19.46 15.94
C THR B 51 43.89 19.16 14.98
N GLY B 52 44.61 20.19 14.56
CA GLY B 52 45.74 20.07 13.64
C GLY B 52 45.43 20.48 12.21
N TYR B 53 44.13 20.50 11.81
CA TYR B 53 43.70 20.75 10.43
C TYR B 53 42.56 21.80 10.38
N LYS B 54 41.89 21.98 9.21
CA LYS B 54 40.83 22.99 9.10
C LYS B 54 39.55 22.63 9.88
N PRO B 55 39.04 23.54 10.74
CA PRO B 55 37.78 23.26 11.44
C PRO B 55 36.58 23.45 10.50
N LEU B 56 35.47 22.76 10.77
CA LEU B 56 34.26 22.75 9.93
C LEU B 56 33.02 22.79 10.84
N TYR B 57 31.93 23.41 10.38
CA TYR B 57 30.66 23.39 11.09
C TYR B 57 29.73 22.44 10.32
N ILE B 58 28.92 21.66 11.05
CA ILE B 58 27.95 20.77 10.44
C ILE B 58 26.58 21.07 11.06
N LEU B 59 25.51 20.59 10.44
CA LEU B 59 24.15 20.73 10.97
C LEU B 59 24.04 19.95 12.28
N SER B 60 23.28 20.48 13.25
CA SER B 60 23.02 19.79 14.55
C SER B 60 22.42 18.43 14.34
N SER B 61 21.55 18.31 13.32
CA SER B 61 20.89 17.04 13.01
C SER B 61 21.87 15.94 12.62
N ARG B 62 23.15 16.29 12.42
CA ARG B 62 24.19 15.31 12.12
C ARG B 62 25.06 14.96 13.35
N VAL B 63 24.64 15.38 14.56
CA VAL B 63 25.31 15.00 15.81
C VAL B 63 24.66 13.71 16.22
N ASN B 64 25.45 12.67 16.43
CA ASN B 64 24.96 11.35 16.84
C ASN B 64 23.86 10.78 15.89
N ASP B 65 24.07 10.94 14.58
CA ASP B 65 23.16 10.37 13.57
C ASP B 65 23.67 9.01 13.11
N GLY B 66 24.80 8.54 13.67
CA GLY B 66 25.44 7.30 13.23
C GLY B 66 26.33 7.43 12.00
N VAL B 67 26.46 8.65 11.43
CA VAL B 67 27.26 8.93 10.22
C VAL B 67 28.47 9.76 10.62
N CYS B 68 29.64 9.45 10.06
CA CYS B 68 30.88 10.19 10.33
C CYS B 68 30.96 11.46 9.48
N ASP B 69 30.62 12.64 10.09
CA ASP B 69 30.65 13.93 9.39
C ASP B 69 31.95 14.72 9.59
N CYS B 70 32.48 14.77 10.81
CA CYS B 70 33.76 15.47 11.08
C CYS B 70 34.89 14.54 10.73
N CYS B 71 36.00 15.06 10.17
CA CYS B 71 37.17 14.20 9.92
C CYS B 71 37.75 13.69 11.24
N ASP B 72 37.63 14.47 12.33
CA ASP B 72 38.07 14.02 13.66
C ASP B 72 37.09 13.07 14.39
N GLY B 73 35.91 12.82 13.79
CA GLY B 73 34.89 11.92 14.36
C GLY B 73 34.19 12.35 15.65
N THR B 74 34.36 13.62 16.11
CA THR B 74 33.78 14.10 17.37
C THR B 74 32.26 14.27 17.36
N ASP B 75 31.65 14.35 16.17
CA ASP B 75 30.19 14.43 16.03
C ASP B 75 29.51 13.14 16.49
N GLU B 76 30.23 11.99 16.47
CA GLU B 76 29.68 10.70 16.89
C GLU B 76 30.27 10.27 18.24
N TYR B 77 29.63 10.69 19.33
CA TYR B 77 30.15 10.44 20.66
C TYR B 77 29.22 9.55 21.50
N ASN B 78 27.97 9.29 21.08
CA ASN B 78 27.05 8.42 21.83
C ASN B 78 25.99 7.82 20.89
N SER B 79 26.41 7.32 19.74
CA SER B 79 25.47 6.77 18.75
C SER B 79 25.66 5.29 18.46
N GLY B 80 26.79 4.72 18.86
CA GLY B 80 27.15 3.35 18.49
C GLY B 80 28.16 3.32 17.36
N THR B 81 28.25 4.40 16.55
CA THR B 81 29.22 4.48 15.47
C THR B 81 30.50 5.05 16.06
N VAL B 82 31.61 4.37 15.83
CA VAL B 82 32.94 4.80 16.25
C VAL B 82 33.59 5.25 14.99
N CYS B 83 33.86 6.54 14.88
CA CYS B 83 34.49 7.13 13.69
C CYS B 83 36.01 7.19 13.88
N GLU B 84 36.73 6.97 12.79
CA GLU B 84 38.19 7.05 12.79
C GLU B 84 38.58 8.45 12.34
N ASN B 85 39.75 8.90 12.82
CA ASN B 85 40.28 10.21 12.43
C ASN B 85 40.78 10.07 10.99
N THR B 86 40.23 10.88 10.08
CA THR B 86 40.60 10.87 8.66
C THR B 86 41.03 12.27 8.24
N CYS B 87 41.43 13.15 9.21
CA CYS B 87 41.78 14.52 8.85
C CYS B 87 43.02 14.60 7.95
N ARG B 88 43.98 13.69 8.11
CA ARG B 88 45.19 13.67 7.27
C ARG B 88 44.86 13.25 5.83
#